data_4G2L
#
_entry.id   4G2L
#
_cell.length_a   104.226
_cell.length_b   104.226
_cell.length_c   270.476
_cell.angle_alpha   90.00
_cell.angle_beta   90.00
_cell.angle_gamma   90.00
#
_symmetry.space_group_name_H-M   'P 41 21 2'
#
loop_
_entity.id
_entity.type
_entity.pdbx_description
1 polymer "High affinity cGMP-specific 3',5'-cyclic phosphodiesterase 9A"
2 non-polymer 'ZINC ION'
3 non-polymer 'MAGNESIUM ION'
4 non-polymer 1-cyclopentyl-6-{(1R)-1-[3-(pyrimidin-2-yl)azetidin-1-yl]ethyl}-1,5-dihydro-4H-pyrazolo[3,4-d]pyrimidin-4-one
#
_entity_poly.entity_id   1
_entity_poly.type   'polypeptide(L)'
_entity_poly.pdbx_seq_one_letter_code
;GSHMTYPKYLLSPETIEALRKPTFDVWLWEPNEMLSCLEHMYHDLGLVRDFSINPVTLRRWLFCVHDNYRNNPFHNFRHC
FCVAQMMYSMVWLCSLQEKFSQTDILILMTAAICHDLDHPGYNNTYQINARTELAVRYNDISPLENHHCAVAFQILAEPE
CNIFSNIPPDGFKQIRQGMITLILATDMARHAEIMDSFKEKMENFDYSNEEHMTLLKMILIKCCDISNEVRPMEVAEPWV
DCLLEEYFMQSDREKSEGLPVAPFMDRDKVTKATAQIGFIKFVLIPMFETVTKLFPMVEEIMLQPLWESRDRYEELKRID
DAMKELQKK
;
_entity_poly.pdbx_strand_id   A,B
#
loop_
_chem_comp.id
_chem_comp.type
_chem_comp.name
_chem_comp.formula
0WL non-polymer 1-cyclopentyl-6-{(1R)-1-[3-(pyrimidin-2-yl)azetidin-1-yl]ethyl}-1,5-dihydro-4H-pyrazolo[3,4-d]pyrimidin-4-one 'C19 H23 N7 O'
MG non-polymer 'MAGNESIUM ION' 'Mg 2'
ZN non-polymer 'ZINC ION' 'Zn 2'
#
# COMPACT_ATOMS: atom_id res chain seq x y z
N GLY A 1 12.49 50.27 -2.81
CA GLY A 1 12.48 51.21 -3.96
C GLY A 1 11.09 51.83 -4.22
N SER A 2 10.03 51.28 -3.57
CA SER A 2 8.56 51.47 -3.93
C SER A 2 7.87 52.78 -3.44
N HIS A 3 7.09 53.42 -4.32
CA HIS A 3 6.55 54.80 -4.08
C HIS A 3 5.36 54.93 -3.05
N MET A 4 4.80 53.78 -2.65
CA MET A 4 3.75 53.70 -1.65
C MET A 4 3.87 52.32 -1.05
N THR A 5 3.02 52.00 -0.09
CA THR A 5 3.13 50.72 0.60
C THR A 5 2.05 49.72 0.22
N TYR A 6 2.40 48.46 0.21
CA TYR A 6 1.47 47.46 -0.22
C TYR A 6 1.22 46.50 0.97
N PRO A 7 -0.02 46.06 1.13
CA PRO A 7 -0.31 44.77 1.69
C PRO A 7 0.77 43.70 1.58
N LYS A 8 0.76 42.87 2.61
CA LYS A 8 1.77 41.89 2.78
C LYS A 8 1.60 40.86 1.68
N TYR A 9 0.35 40.54 1.30
CA TYR A 9 0.07 39.35 0.42
C TYR A 9 0.32 39.71 -1.05
N LEU A 10 0.62 41.02 -1.30
CA LEU A 10 1.28 41.49 -2.55
C LEU A 10 2.77 41.43 -2.28
N LEU A 11 3.39 40.32 -2.64
CA LEU A 11 4.81 40.12 -2.44
C LEU A 11 5.56 41.21 -3.16
N SER A 12 6.62 41.75 -2.55
CA SER A 12 7.44 42.76 -3.22
C SER A 12 8.35 42.11 -4.24
N PRO A 13 8.96 42.93 -5.12
CA PRO A 13 9.86 42.38 -6.14
C PRO A 13 11.05 41.65 -5.55
N GLU A 14 11.54 42.18 -4.42
CA GLU A 14 12.65 41.53 -3.68
C GLU A 14 12.23 40.19 -3.09
N THR A 15 11.04 40.08 -2.52
CA THR A 15 10.62 38.80 -2.02
C THR A 15 10.60 37.80 -3.17
N ILE A 16 9.92 38.16 -4.26
CA ILE A 16 9.81 37.29 -5.46
C ILE A 16 11.20 36.83 -5.91
N GLU A 17 12.15 37.74 -5.88
CA GLU A 17 13.53 37.45 -6.23
C GLU A 17 14.19 36.47 -5.24
N ALA A 18 14.01 36.70 -3.95
CA ALA A 18 14.67 35.90 -2.91
C ALA A 18 14.16 34.51 -2.86
N LEU A 19 12.99 34.33 -3.44
CA LEU A 19 12.23 33.13 -3.27
C LEU A 19 12.88 32.02 -4.10
N ARG A 20 13.80 32.39 -4.97
CA ARG A 20 14.46 31.45 -5.85
C ARG A 20 15.62 30.77 -5.23
N LYS A 21 16.00 31.23 -4.07
CA LYS A 21 17.19 30.74 -3.43
C LYS A 21 16.89 30.03 -2.10
N PRO A 22 17.77 29.12 -1.71
CA PRO A 22 17.58 28.37 -0.49
C PRO A 22 17.89 29.20 0.78
N THR A 23 18.53 30.34 0.54
CA THR A 23 18.76 31.30 1.60
C THR A 23 17.47 31.97 2.12
N PHE A 24 16.36 31.88 1.39
CA PHE A 24 15.05 32.47 1.78
C PHE A 24 14.65 32.18 3.22
N ASP A 25 14.25 33.22 3.96
CA ASP A 25 13.93 33.10 5.36
C ASP A 25 12.50 32.68 5.50
N VAL A 26 12.28 31.36 5.50
CA VAL A 26 10.92 30.79 5.60
C VAL A 26 10.15 31.33 6.81
N TRP A 27 10.84 31.74 7.87
CA TRP A 27 10.14 32.19 9.10
C TRP A 27 9.52 33.58 9.03
N LEU A 28 9.93 34.40 8.08
CA LEU A 28 9.50 35.78 8.08
C LEU A 28 8.05 35.96 7.71
N TRP A 29 7.34 34.91 7.34
CA TRP A 29 6.10 35.07 6.58
C TRP A 29 4.92 34.45 7.18
N GLU A 30 3.79 35.16 7.13
CA GLU A 30 2.57 34.57 7.67
C GLU A 30 1.89 33.67 6.63
N PRO A 31 0.85 32.93 7.00
CA PRO A 31 0.37 31.92 6.04
C PRO A 31 -0.16 32.47 4.71
N ASN A 32 -0.78 33.63 4.75
CA ASN A 32 -1.22 34.25 3.53
C ASN A 32 -0.13 34.59 2.57
N GLU A 33 0.97 35.08 3.12
CA GLU A 33 2.12 35.50 2.32
C GLU A 33 2.74 34.23 1.75
N MET A 34 2.87 33.22 2.59
CA MET A 34 3.34 31.95 2.11
C MET A 34 2.43 31.45 0.98
N LEU A 35 1.12 31.61 1.14
CA LEU A 35 0.21 31.11 0.10
C LEU A 35 0.41 31.88 -1.22
N SER A 36 0.72 33.17 -1.13
CA SER A 36 0.98 33.98 -2.31
C SER A 36 2.25 33.55 -3.02
N CYS A 37 3.20 33.05 -2.25
CA CYS A 37 4.47 32.62 -2.83
C CYS A 37 4.30 31.36 -3.63
N LEU A 38 3.58 30.42 -3.04
CA LEU A 38 3.33 29.16 -3.66
C LEU A 38 2.56 29.43 -4.97
N GLU A 39 1.62 30.35 -4.89
CA GLU A 39 0.87 30.80 -6.07
C GLU A 39 1.79 31.29 -7.18
N HIS A 40 2.65 32.24 -6.82
CA HIS A 40 3.60 32.77 -7.79
C HIS A 40 4.50 31.72 -8.38
N MET A 41 4.89 30.74 -7.58
CA MET A 41 5.71 29.66 -8.13
C MET A 41 5.03 28.98 -9.29
N TYR A 42 3.78 28.64 -9.08
CA TYR A 42 3.02 27.95 -10.10
C TYR A 42 2.91 28.78 -11.36
N HIS A 43 2.82 30.11 -11.23
CA HIS A 43 2.75 30.96 -12.45
C HIS A 43 4.11 31.06 -13.06
N ASP A 44 5.10 31.38 -12.26
CA ASP A 44 6.46 31.63 -12.68
C ASP A 44 7.10 30.48 -13.38
N LEU A 45 6.84 29.28 -12.90
CA LEU A 45 7.31 28.03 -13.52
C LEU A 45 6.57 27.65 -14.84
N GLY A 46 5.58 28.45 -15.24
CA GLY A 46 4.82 28.20 -16.45
C GLY A 46 3.84 27.06 -16.39
N LEU A 47 3.51 26.65 -15.17
CA LEU A 47 2.55 25.60 -14.94
C LEU A 47 1.12 26.10 -15.11
N VAL A 48 0.80 27.29 -14.62
CA VAL A 48 -0.54 27.85 -14.88
C VAL A 48 -0.78 27.91 -16.40
N ARG A 49 0.23 28.36 -17.12
CA ARG A 49 0.14 28.52 -18.55
C ARG A 49 -0.09 27.22 -19.22
N ASP A 50 0.84 26.31 -18.98
CA ASP A 50 0.92 25.06 -19.74
C ASP A 50 -0.14 24.02 -19.38
N PHE A 51 -0.74 24.12 -18.20
CA PHE A 51 -1.82 23.19 -17.84
C PHE A 51 -3.20 23.88 -17.69
N SER A 52 -3.26 25.15 -18.11
CA SER A 52 -4.49 25.90 -18.11
C SER A 52 -5.16 25.84 -16.76
N ILE A 53 -4.42 26.17 -15.73
CA ILE A 53 -4.94 26.12 -14.39
C ILE A 53 -5.74 27.39 -14.28
N ASN A 54 -7.02 27.28 -13.92
CA ASN A 54 -7.80 28.49 -13.76
C ASN A 54 -7.16 29.13 -12.51
N PRO A 55 -6.70 30.39 -12.63
CA PRO A 55 -5.95 30.99 -11.55
C PRO A 55 -6.66 31.23 -10.22
N VAL A 56 -8.01 31.36 -10.20
CA VAL A 56 -8.74 31.42 -8.93
C VAL A 56 -8.77 30.03 -8.27
N THR A 57 -8.92 28.97 -9.05
CA THR A 57 -8.80 27.62 -8.55
C THR A 57 -7.40 27.40 -7.90
N LEU A 58 -6.33 27.86 -8.55
CA LEU A 58 -5.00 27.72 -7.95
C LEU A 58 -5.03 28.23 -6.53
N ARG A 59 -5.74 29.31 -6.32
CA ARG A 59 -5.74 29.92 -5.02
C ARG A 59 -6.54 29.18 -3.99
N ARG A 60 -7.77 28.83 -4.39
CA ARG A 60 -8.69 28.03 -3.58
C ARG A 60 -7.98 26.75 -3.23
N TRP A 61 -7.46 26.07 -4.25
CA TRP A 61 -6.66 24.87 -4.00
C TRP A 61 -5.54 25.07 -2.94
N LEU A 62 -4.71 26.09 -3.11
CA LEU A 62 -3.68 26.37 -2.11
C LEU A 62 -4.32 26.62 -0.71
N PHE A 63 -5.38 27.41 -0.67
CA PHE A 63 -5.99 27.78 0.59
C PHE A 63 -6.49 26.57 1.28
N CYS A 64 -6.98 25.65 0.47
CA CYS A 64 -7.57 24.46 0.99
C CYS A 64 -6.49 23.47 1.41
N VAL A 65 -5.46 23.25 0.62
CA VAL A 65 -4.30 22.55 1.14
C VAL A 65 -3.89 23.11 2.51
N HIS A 66 -3.76 24.42 2.61
CA HIS A 66 -3.39 25.00 3.85
C HIS A 66 -4.33 24.63 5.01
N ASP A 67 -5.62 24.66 4.76
CA ASP A 67 -6.57 24.31 5.82
C ASP A 67 -6.41 22.87 6.30
N ASN A 68 -5.87 22.01 5.43
CA ASN A 68 -5.73 20.59 5.71
C ASN A 68 -4.41 20.19 6.32
N TYR A 69 -3.53 21.16 6.53
CA TYR A 69 -2.40 20.91 7.38
C TYR A 69 -2.84 21.20 8.81
N ARG A 70 -2.19 20.55 9.75
CA ARG A 70 -2.45 20.81 11.17
C ARG A 70 -1.40 21.66 11.84
N ASN A 71 -1.72 22.13 13.05
CA ASN A 71 -0.80 22.96 13.80
C ASN A 71 0.14 22.12 14.61
N ASN A 72 0.76 21.14 13.98
CA ASN A 72 1.84 20.42 14.62
C ASN A 72 3.02 21.39 14.77
N PRO A 73 3.88 21.13 15.75
CA PRO A 73 5.11 21.88 15.90
C PRO A 73 6.02 21.85 14.69
N PHE A 74 6.04 20.78 13.92
CA PHE A 74 6.94 20.67 12.79
C PHE A 74 6.19 20.34 11.50
N HIS A 75 5.34 19.33 11.56
CA HIS A 75 4.64 18.80 10.38
C HIS A 75 3.42 19.59 10.12
N ASN A 76 3.66 20.80 9.67
CA ASN A 76 2.62 21.81 9.54
C ASN A 76 2.75 22.51 8.18
N PHE A 77 1.96 23.53 7.95
CA PHE A 77 1.97 24.17 6.62
C PHE A 77 3.34 24.81 6.30
N ARG A 78 3.99 25.37 7.31
CA ARG A 78 5.25 26.02 7.04
C ARG A 78 6.27 24.98 6.56
N HIS A 79 6.22 23.78 7.15
CA HIS A 79 7.02 22.69 6.64
C HIS A 79 6.80 22.50 5.17
N CYS A 80 5.55 22.47 4.75
CA CYS A 80 5.34 22.17 3.34
C CYS A 80 5.81 23.32 2.47
N PHE A 81 5.62 24.53 2.94
CA PHE A 81 6.17 25.67 2.24
C PHE A 81 7.68 25.49 2.08
N CYS A 82 8.39 24.99 3.10
CA CYS A 82 9.84 24.80 2.98
C CYS A 82 10.09 23.81 1.92
N VAL A 83 9.43 22.67 2.00
CA VAL A 83 9.73 21.62 1.03
C VAL A 83 9.42 22.13 -0.38
N ALA A 84 8.26 22.76 -0.57
CA ALA A 84 7.90 23.31 -1.86
C ALA A 84 8.92 24.39 -2.34
N GLN A 85 9.34 25.28 -1.45
CA GLN A 85 10.26 26.34 -1.82
C GLN A 85 11.66 25.81 -2.12
N MET A 86 12.06 24.72 -1.46
CA MET A 86 13.38 24.14 -1.75
C MET A 86 13.33 23.47 -3.13
N MET A 87 12.21 22.84 -3.46
CA MET A 87 12.06 22.30 -4.80
C MET A 87 12.18 23.42 -5.84
N TYR A 88 11.53 24.55 -5.56
CA TYR A 88 11.52 25.72 -6.45
C TYR A 88 12.98 26.18 -6.65
N SER A 89 13.74 26.21 -5.55
CA SER A 89 15.12 26.66 -5.58
C SER A 89 15.90 25.76 -6.49
N MET A 90 15.54 24.49 -6.40
CA MET A 90 16.28 23.49 -7.12
C MET A 90 15.92 23.42 -8.56
N VAL A 91 14.68 23.75 -8.89
CA VAL A 91 14.38 23.87 -10.29
C VAL A 91 15.35 24.91 -10.91
N TRP A 92 15.61 26.02 -10.20
CA TRP A 92 16.55 27.04 -10.71
C TRP A 92 18.01 26.61 -10.56
N LEU A 93 18.42 26.21 -9.35
CA LEU A 93 19.83 25.86 -9.11
C LEU A 93 20.31 24.68 -10.01
N CYS A 94 19.46 23.71 -10.30
CA CYS A 94 19.85 22.63 -11.23
C CYS A 94 19.27 22.73 -12.67
N SER A 95 18.62 23.85 -12.99
CA SER A 95 18.10 24.12 -14.33
C SER A 95 17.24 22.90 -14.72
N LEU A 96 16.39 22.49 -13.79
CA LEU A 96 15.67 21.25 -14.00
C LEU A 96 14.78 21.37 -15.24
N GLN A 97 14.49 22.60 -15.69
CA GLN A 97 13.56 22.79 -16.83
C GLN A 97 14.21 22.30 -18.12
N GLU A 98 15.53 22.30 -18.18
CA GLU A 98 16.26 21.73 -19.30
C GLU A 98 16.13 20.20 -19.32
N LYS A 99 16.14 19.57 -18.17
CA LYS A 99 16.12 18.12 -18.03
C LYS A 99 14.71 17.51 -17.98
N PHE A 100 13.73 18.24 -17.47
CA PHE A 100 12.42 17.67 -17.13
C PHE A 100 11.30 18.29 -17.94
N SER A 101 10.22 17.54 -18.10
CA SER A 101 9.05 18.08 -18.72
C SER A 101 8.27 18.91 -17.73
N GLN A 102 7.39 19.77 -18.24
CA GLN A 102 6.54 20.55 -17.37
C GLN A 102 5.64 19.61 -16.60
N THR A 103 5.26 18.47 -17.18
CA THR A 103 4.50 17.50 -16.40
C THR A 103 5.37 17.00 -15.25
N ASP A 104 6.64 16.75 -15.47
CA ASP A 104 7.44 16.38 -14.31
C ASP A 104 7.58 17.53 -13.32
N ILE A 105 7.77 18.74 -13.80
CA ILE A 105 7.88 19.83 -12.83
C ILE A 105 6.60 19.94 -11.99
N LEU A 106 5.43 19.85 -12.63
CA LEU A 106 4.15 19.95 -11.96
C LEU A 106 4.00 18.86 -10.90
N ILE A 107 4.51 17.66 -11.16
CA ILE A 107 4.47 16.59 -10.16
C ILE A 107 5.40 16.89 -8.96
N LEU A 108 6.64 17.28 -9.28
CA LEU A 108 7.59 17.63 -8.22
C LEU A 108 6.98 18.71 -7.32
N MET A 109 6.35 19.72 -7.90
CA MET A 109 5.79 20.80 -7.09
C MET A 109 4.54 20.31 -6.33
N THR A 110 3.58 19.67 -7.00
CA THR A 110 2.34 19.36 -6.30
C THR A 110 2.60 18.25 -5.24
N ALA A 111 3.49 17.34 -5.57
CA ALA A 111 3.91 16.35 -4.59
C ALA A 111 4.58 17.08 -3.39
N ALA A 112 5.42 18.07 -3.67
CA ALA A 112 6.16 18.75 -2.60
C ALA A 112 5.15 19.35 -1.66
N ILE A 113 4.21 20.12 -2.21
CA ILE A 113 3.22 20.87 -1.45
C ILE A 113 2.33 19.96 -0.65
N CYS A 114 2.03 18.78 -1.19
CA CYS A 114 1.03 17.90 -0.54
C CYS A 114 1.53 16.81 0.33
N HIS A 115 2.83 16.54 0.27
CA HIS A 115 3.40 15.34 0.83
C HIS A 115 3.22 15.09 2.33
N ASP A 116 2.77 16.07 3.12
CA ASP A 116 2.47 15.81 4.55
C ASP A 116 1.05 16.17 4.97
N LEU A 117 0.12 16.12 4.03
CA LEU A 117 -1.23 16.58 4.31
C LEU A 117 -1.77 15.84 5.52
N ASP A 118 -2.44 16.57 6.41
CA ASP A 118 -3.11 16.01 7.60
C ASP A 118 -2.26 15.10 8.47
N HIS A 119 -0.99 15.41 8.56
CA HIS A 119 -0.08 14.69 9.44
C HIS A 119 -0.57 14.89 10.88
N PRO A 120 -0.67 13.80 11.63
CA PRO A 120 -1.09 13.85 13.04
C PRO A 120 0.00 14.19 14.05
N GLY A 121 1.21 14.44 13.60
CA GLY A 121 2.36 14.62 14.48
C GLY A 121 2.84 13.42 15.28
N TYR A 122 2.57 12.19 14.83
CA TYR A 122 3.16 10.97 15.39
C TYR A 122 3.49 10.05 14.23
N ASN A 123 4.68 9.44 14.20
CA ASN A 123 5.12 8.75 12.98
C ASN A 123 4.50 7.36 12.75
N ASN A 124 4.97 6.70 11.67
CA ASN A 124 4.44 5.40 11.32
C ASN A 124 4.71 4.40 12.44
N THR A 125 5.88 4.49 13.11
CA THR A 125 6.17 3.59 14.21
C THR A 125 5.10 3.70 15.29
N TYR A 126 4.62 4.90 15.57
CA TYR A 126 3.58 5.03 16.57
C TYR A 126 2.30 4.42 16.04
N GLN A 127 1.91 4.82 14.83
CA GLN A 127 0.70 4.26 14.23
C GLN A 127 0.70 2.75 14.33
N ILE A 128 1.81 2.13 13.91
CA ILE A 128 1.88 0.67 13.84
C ILE A 128 1.82 0.04 15.25
N ASN A 129 2.65 0.52 16.15
CA ASN A 129 2.68 -0.04 17.52
C ASN A 129 1.38 0.21 18.34
N ALA A 130 0.75 1.37 18.13
CA ALA A 130 -0.54 1.73 18.77
C ALA A 130 -1.73 1.08 18.01
N ARG A 131 -1.45 0.45 16.87
CA ARG A 131 -2.48 -0.13 16.07
C ARG A 131 -3.60 0.84 15.88
N THR A 132 -3.23 2.03 15.44
CA THR A 132 -4.18 3.11 15.16
C THR A 132 -5.10 2.75 13.96
N GLU A 133 -6.11 3.58 13.73
CA GLU A 133 -7.04 3.31 12.66
C GLU A 133 -6.37 3.41 11.33
N LEU A 134 -5.49 4.39 11.17
CA LEU A 134 -4.65 4.55 9.98
C LEU A 134 -3.75 3.32 9.74
N ALA A 135 -3.16 2.79 10.83
CA ALA A 135 -2.23 1.68 10.71
C ALA A 135 -3.05 0.47 10.27
N VAL A 136 -4.22 0.27 10.87
CA VAL A 136 -5.15 -0.84 10.48
C VAL A 136 -5.63 -0.71 9.04
N ARG A 137 -5.99 0.53 8.70
CA ARG A 137 -6.53 0.84 7.39
C ARG A 137 -5.54 0.55 6.28
N TYR A 138 -4.28 0.98 6.44
CA TYR A 138 -3.27 0.81 5.40
C TYR A 138 -2.33 -0.40 5.55
N ASN A 139 -2.74 -1.31 6.43
CA ASN A 139 -2.05 -2.58 6.61
C ASN A 139 -0.53 -2.42 6.94
N ASP A 140 -0.29 -1.46 7.85
CA ASP A 140 1.04 -1.12 8.33
C ASP A 140 1.98 -0.71 7.19
N ILE A 141 1.44 -0.45 5.99
CA ILE A 141 2.25 -0.05 4.83
C ILE A 141 2.26 1.48 4.60
N SER A 142 3.40 2.11 4.88
CA SER A 142 3.53 3.58 4.77
C SER A 142 2.23 4.32 5.06
N PRO A 143 1.65 4.07 6.23
CA PRO A 143 0.32 4.55 6.54
C PRO A 143 0.14 6.06 6.39
N LEU A 144 1.02 6.83 7.04
CA LEU A 144 0.95 8.29 6.94
C LEU A 144 1.06 8.78 5.49
N GLU A 145 2.03 8.28 4.78
CA GLU A 145 2.25 8.75 3.44
C GLU A 145 1.07 8.41 2.54
N ASN A 146 0.56 7.19 2.65
CA ASN A 146 -0.65 6.77 1.93
C ASN A 146 -1.82 7.67 2.28
N HIS A 147 -1.86 8.10 3.54
CA HIS A 147 -2.90 9.03 3.98
C HIS A 147 -2.75 10.41 3.36
N HIS A 148 -1.53 10.95 3.36
CA HIS A 148 -1.29 12.32 2.86
C HIS A 148 -1.78 12.35 1.42
N CYS A 149 -1.37 11.34 0.72
CA CYS A 149 -1.74 11.11 -0.65
C CYS A 149 -3.24 11.06 -0.92
N ALA A 150 -3.95 10.29 -0.11
CA ALA A 150 -5.36 10.20 -0.24
C ALA A 150 -5.90 11.60 0.01
N VAL A 151 -5.55 12.26 1.10
CA VAL A 151 -6.09 13.61 1.32
C VAL A 151 -5.77 14.53 0.10
N ALA A 152 -4.53 14.47 -0.37
CA ALA A 152 -4.17 15.16 -1.60
C ALA A 152 -5.29 15.04 -2.67
N PHE A 153 -5.68 13.82 -3.01
CA PHE A 153 -6.55 13.63 -4.18
C PHE A 153 -7.98 13.84 -3.86
N GLN A 154 -8.33 13.67 -2.61
CA GLN A 154 -9.64 14.10 -2.15
C GLN A 154 -9.86 15.59 -2.30
N ILE A 155 -8.83 16.39 -2.00
CA ILE A 155 -8.92 17.83 -2.23
C ILE A 155 -9.08 18.10 -3.72
N LEU A 156 -8.21 17.52 -4.54
CA LEU A 156 -8.27 17.74 -5.98
C LEU A 156 -9.58 17.27 -6.60
N ALA A 157 -10.30 16.43 -5.90
CA ALA A 157 -11.58 15.89 -6.36
C ALA A 157 -12.68 16.90 -6.22
N GLU A 158 -12.50 17.83 -5.29
CA GLU A 158 -13.45 18.90 -5.14
C GLU A 158 -13.27 19.81 -6.36
N PRO A 159 -14.39 20.16 -7.03
CA PRO A 159 -14.26 20.80 -8.36
C PRO A 159 -13.69 22.21 -8.24
N GLU A 160 -13.96 22.86 -7.12
CA GLU A 160 -13.53 24.27 -6.96
C GLU A 160 -12.02 24.34 -6.65
N CYS A 161 -11.43 23.18 -6.32
CA CYS A 161 -10.02 23.10 -5.99
C CYS A 161 -9.19 22.39 -7.03
N ASN A 162 -9.82 21.96 -8.11
CA ASN A 162 -9.16 21.05 -8.99
C ASN A 162 -8.26 21.74 -9.98
N ILE A 163 -7.01 21.97 -9.60
CA ILE A 163 -6.09 22.67 -10.49
C ILE A 163 -5.85 21.87 -11.77
N PHE A 164 -6.14 20.58 -11.76
CA PHE A 164 -5.93 19.74 -12.95
C PHE A 164 -7.16 19.62 -13.81
N SER A 165 -8.22 20.32 -13.44
CA SER A 165 -9.49 20.21 -14.14
C SER A 165 -9.37 20.37 -15.63
N ASN A 166 -8.39 21.11 -16.14
CA ASN A 166 -8.22 21.24 -17.61
C ASN A 166 -7.16 20.40 -18.27
N ILE A 167 -6.69 19.33 -17.63
CA ILE A 167 -5.69 18.45 -18.18
C ILE A 167 -6.48 17.25 -18.69
N PRO A 168 -6.20 16.79 -19.92
CA PRO A 168 -6.74 15.53 -20.43
C PRO A 168 -6.62 14.35 -19.45
N PRO A 169 -7.56 13.37 -19.52
CA PRO A 169 -7.45 12.30 -18.50
C PRO A 169 -6.17 11.49 -18.54
N ASP A 170 -5.55 11.34 -19.70
CA ASP A 170 -4.24 10.67 -19.77
C ASP A 170 -3.20 11.41 -18.94
N GLY A 171 -3.13 12.72 -19.11
CA GLY A 171 -2.20 13.51 -18.32
C GLY A 171 -2.53 13.46 -16.84
N PHE A 172 -3.82 13.55 -16.51
CA PHE A 172 -4.22 13.43 -15.12
C PHE A 172 -3.66 12.16 -14.52
N LYS A 173 -3.84 11.05 -15.22
CA LYS A 173 -3.43 9.76 -14.71
C LYS A 173 -1.94 9.70 -14.48
N GLN A 174 -1.20 10.33 -15.40
CA GLN A 174 0.26 10.40 -15.36
C GLN A 174 0.75 11.22 -14.16
N ILE A 175 0.07 12.35 -13.92
CA ILE A 175 0.34 13.22 -12.80
C ILE A 175 0.02 12.49 -11.51
N ARG A 176 -1.08 11.76 -11.52
CA ARG A 176 -1.56 11.15 -10.29
C ARG A 176 -0.54 10.09 -9.84
N GLN A 177 -0.11 9.32 -10.82
CA GLN A 177 0.84 8.24 -10.61
C GLN A 177 2.18 8.84 -10.08
N GLY A 178 2.71 9.87 -10.74
CA GLY A 178 3.95 10.45 -10.25
C GLY A 178 3.81 10.91 -8.79
N MET A 179 2.68 11.56 -8.53
CA MET A 179 2.44 12.15 -7.26
C MET A 179 2.45 11.06 -6.19
N ILE A 180 1.72 9.98 -6.45
CA ILE A 180 1.71 8.85 -5.53
C ILE A 180 3.15 8.30 -5.29
N THR A 181 3.88 7.99 -6.35
CA THR A 181 5.24 7.47 -6.19
C THR A 181 6.04 8.38 -5.34
N LEU A 182 6.00 9.68 -5.68
CA LEU A 182 6.86 10.67 -5.00
C LEU A 182 6.47 10.81 -3.52
N ILE A 183 5.18 10.97 -3.20
CA ILE A 183 4.77 11.18 -1.81
C ILE A 183 5.10 9.94 -0.97
N LEU A 184 4.89 8.73 -1.51
CA LEU A 184 5.31 7.52 -0.76
C LEU A 184 6.86 7.41 -0.65
N ALA A 185 7.58 8.00 -1.59
CA ALA A 185 9.02 7.94 -1.58
C ALA A 185 9.58 8.67 -0.31
N THR A 186 8.75 9.57 0.27
CA THR A 186 9.21 10.40 1.40
C THR A 186 9.23 9.61 2.71
N ASP A 187 8.68 8.39 2.74
CA ASP A 187 8.82 7.51 3.91
C ASP A 187 10.26 7.16 4.11
N MET A 188 10.78 7.50 5.27
CA MET A 188 12.19 7.33 5.54
C MET A 188 12.50 5.90 5.79
N ALA A 189 11.49 5.08 5.98
CA ALA A 189 11.71 3.66 6.08
C ALA A 189 12.38 3.16 4.81
N ARG A 190 12.15 3.83 3.70
CA ARG A 190 12.66 3.28 2.44
C ARG A 190 13.95 3.99 1.99
N HIS A 191 14.50 4.84 2.86
CA HIS A 191 15.62 5.66 2.49
C HIS A 191 16.79 4.88 1.94
N ALA A 192 17.24 3.85 2.65
CA ALA A 192 18.40 3.11 2.17
C ALA A 192 18.11 2.39 0.82
N GLU A 193 16.91 1.80 0.67
CA GLU A 193 16.45 1.12 -0.54
C GLU A 193 16.46 2.11 -1.75
N ILE A 194 15.84 3.29 -1.56
CA ILE A 194 15.70 4.28 -2.62
C ILE A 194 17.06 4.81 -2.99
N MET A 195 17.87 5.09 -1.97
CA MET A 195 19.23 5.53 -2.20
C MET A 195 20.10 4.53 -2.93
N ASP A 196 19.92 3.25 -2.61
CA ASP A 196 20.63 2.16 -3.32
C ASP A 196 20.16 2.09 -4.77
N SER A 197 18.85 2.15 -5.01
CA SER A 197 18.34 2.16 -6.39
C SER A 197 19.00 3.29 -7.16
N PHE A 198 19.00 4.48 -6.58
CA PHE A 198 19.47 5.62 -7.28
C PHE A 198 20.95 5.44 -7.64
N LYS A 199 21.72 4.99 -6.67
CA LYS A 199 23.15 4.85 -6.86
C LYS A 199 23.51 3.82 -7.95
N GLU A 200 22.67 2.80 -8.09
CA GLU A 200 22.80 1.81 -9.13
C GLU A 200 22.59 2.42 -10.51
N LYS A 201 21.53 3.21 -10.66
CA LYS A 201 21.29 3.92 -11.89
C LYS A 201 22.38 4.94 -12.12
N MET A 202 22.90 5.51 -11.05
CA MET A 202 23.91 6.54 -11.17
C MET A 202 25.21 6.00 -11.71
N GLU A 203 25.40 4.69 -11.68
CA GLU A 203 26.54 4.10 -12.39
C GLU A 203 26.63 4.52 -13.85
N ASN A 204 25.50 4.90 -14.45
CA ASN A 204 25.44 5.24 -15.86
C ASN A 204 24.14 5.99 -16.09
N PHE A 205 23.99 7.15 -15.47
CA PHE A 205 22.67 7.77 -15.42
C PHE A 205 22.21 8.15 -16.82
N ASP A 206 20.92 8.20 -17.08
CA ASP A 206 20.37 8.36 -18.44
C ASP A 206 19.10 9.16 -18.38
N TYR A 207 19.12 10.41 -18.83
CA TYR A 207 17.96 11.28 -18.67
C TYR A 207 16.78 10.87 -19.53
N SER A 208 17.00 9.97 -20.47
CA SER A 208 15.91 9.54 -21.33
C SER A 208 15.25 8.27 -20.83
N ASN A 209 15.75 7.69 -19.74
CA ASN A 209 15.22 6.45 -19.17
C ASN A 209 14.28 6.83 -18.03
N GLU A 210 12.98 6.56 -18.21
CA GLU A 210 11.90 6.85 -17.21
C GLU A 210 12.17 6.33 -15.81
N GLU A 211 12.74 5.13 -15.74
CA GLU A 211 13.07 4.55 -14.47
C GLU A 211 14.10 5.43 -13.78
N HIS A 212 15.16 5.80 -14.51
CA HIS A 212 16.19 6.71 -13.98
C HIS A 212 15.55 8.00 -13.48
N MET A 213 14.61 8.53 -14.26
CA MET A 213 14.00 9.80 -13.89
C MET A 213 13.08 9.71 -12.68
N THR A 214 12.41 8.58 -12.51
CA THR A 214 11.53 8.42 -11.34
C THR A 214 12.38 8.37 -10.07
N LEU A 215 13.53 7.69 -10.15
CA LEU A 215 14.46 7.68 -9.03
C LEU A 215 15.05 9.07 -8.76
N LEU A 216 15.40 9.81 -9.82
CA LEU A 216 15.86 11.18 -9.59
C LEU A 216 14.79 12.02 -8.93
N LYS A 217 13.54 11.90 -9.38
CA LYS A 217 12.46 12.73 -8.78
C LYS A 217 12.24 12.29 -7.31
N MET A 218 12.35 11.00 -7.04
CA MET A 218 12.24 10.57 -5.67
C MET A 218 13.37 11.16 -4.80
N ILE A 219 14.61 11.18 -5.32
CA ILE A 219 15.69 11.77 -4.55
C ILE A 219 15.41 13.25 -4.41
N LEU A 220 14.86 13.90 -5.43
CA LEU A 220 14.67 15.35 -5.29
C LEU A 220 13.62 15.66 -4.24
N ILE A 221 12.53 14.88 -4.20
CA ILE A 221 11.50 15.22 -3.21
C ILE A 221 12.07 14.86 -1.83
N LYS A 222 12.87 13.78 -1.74
CA LYS A 222 13.47 13.44 -0.47
C LYS A 222 14.44 14.55 -0.01
N CYS A 223 15.20 15.13 -0.92
CA CYS A 223 16.11 16.20 -0.56
C CYS A 223 15.44 17.38 0.02
N CYS A 224 14.37 17.79 -0.63
CA CYS A 224 13.69 18.96 -0.17
C CYS A 224 13.02 18.71 1.15
N ASP A 225 12.54 17.50 1.34
CA ASP A 225 11.80 17.16 2.54
C ASP A 225 12.64 17.21 3.84
N ILE A 226 13.92 16.84 3.79
CA ILE A 226 14.75 16.82 4.99
C ILE A 226 15.86 17.86 4.85
N SER A 227 15.62 18.89 4.04
CA SER A 227 16.67 19.82 3.63
C SER A 227 16.88 21.00 4.62
N ASN A 228 16.24 21.01 5.79
CA ASN A 228 16.26 22.25 6.60
C ASN A 228 17.71 22.68 6.85
N GLU A 229 18.57 21.75 7.22
CA GLU A 229 19.96 22.12 7.59
C GLU A 229 20.85 22.68 6.45
N VAL A 230 20.37 22.58 5.20
CA VAL A 230 20.98 23.28 4.03
C VAL A 230 20.80 24.81 4.13
N ARG A 231 19.71 25.23 4.78
CA ARG A 231 19.36 26.63 4.92
C ARG A 231 20.28 27.29 5.90
N PRO A 232 20.41 28.62 5.79
CA PRO A 232 21.21 29.41 6.70
C PRO A 232 20.93 29.02 8.12
N MET A 233 21.95 29.14 8.94
CA MET A 233 21.99 28.65 10.30
C MET A 233 20.84 29.25 11.11
N GLU A 234 20.55 30.53 10.98
CA GLU A 234 19.42 31.16 11.72
C GLU A 234 18.06 30.64 11.31
N VAL A 235 17.95 30.21 10.05
CA VAL A 235 16.68 29.70 9.51
C VAL A 235 16.50 28.21 9.83
N ALA A 236 17.61 27.45 9.86
CA ALA A 236 17.51 25.99 10.02
C ALA A 236 17.27 25.60 11.45
N GLU A 237 17.94 26.30 12.33
CA GLU A 237 18.09 25.87 13.69
C GLU A 237 16.77 25.77 14.50
N PRO A 238 15.88 26.77 14.35
CA PRO A 238 14.59 26.63 15.03
C PRO A 238 13.81 25.40 14.64
N TRP A 239 13.95 24.88 13.42
CA TRP A 239 13.23 23.66 13.02
C TRP A 239 13.55 22.45 13.90
N VAL A 240 14.79 22.37 14.33
CA VAL A 240 15.24 21.21 15.06
C VAL A 240 14.52 21.18 16.42
N ASP A 241 14.29 22.34 17.02
CA ASP A 241 13.59 22.41 18.28
C ASP A 241 12.13 21.99 18.06
N CYS A 242 11.56 22.30 16.92
CA CYS A 242 10.22 21.86 16.65
C CYS A 242 10.07 20.43 16.45
N LEU A 243 11.04 19.84 15.77
CA LEU A 243 10.96 18.43 15.44
C LEU A 243 11.13 17.71 16.78
N LEU A 244 12.08 18.14 17.61
CA LEU A 244 12.22 17.52 18.92
C LEU A 244 10.95 17.63 19.76
N GLU A 245 10.20 18.72 19.58
CA GLU A 245 8.94 18.90 20.27
C GLU A 245 7.95 17.77 20.02
N GLU A 246 7.80 17.46 18.73
CA GLU A 246 6.92 16.38 18.24
C GLU A 246 7.52 15.10 18.71
N TYR A 247 8.80 14.90 18.44
CA TYR A 247 9.46 13.67 18.85
C TYR A 247 9.20 13.35 20.35
N PHE A 248 9.21 14.39 21.21
CA PHE A 248 9.02 14.17 22.64
C PHE A 248 7.56 13.91 23.03
N MET A 249 6.66 14.59 22.34
CA MET A 249 5.25 14.31 22.47
C MET A 249 4.96 12.82 22.25
N GLN A 250 5.48 12.27 21.17
CA GLN A 250 5.36 10.85 20.90
C GLN A 250 6.00 9.92 21.98
N SER A 251 7.22 10.22 22.42
CA SER A 251 7.91 9.30 23.35
C SER A 251 7.32 9.38 24.75
N ASP A 252 6.74 10.52 25.10
CA ASP A 252 5.91 10.60 26.31
C ASP A 252 4.72 9.67 26.22
N ARG A 253 3.97 9.90 25.15
CA ARG A 253 2.82 9.07 24.87
C ARG A 253 3.18 7.61 24.89
N GLU A 254 4.21 7.26 24.12
CA GLU A 254 4.71 5.89 24.01
C GLU A 254 5.04 5.29 25.42
N LYS A 255 5.69 6.05 26.29
CA LYS A 255 6.00 5.59 27.67
C LYS A 255 4.71 5.34 28.48
N SER A 256 3.88 6.37 28.53
CA SER A 256 2.58 6.30 29.18
C SER A 256 1.72 5.13 28.68
N GLU A 257 1.77 4.85 27.37
CA GLU A 257 0.88 3.86 26.77
C GLU A 257 1.56 2.48 26.74
N GLY A 258 2.82 2.40 27.18
CA GLY A 258 3.53 1.12 27.30
C GLY A 258 4.07 0.61 26.00
N LEU A 259 4.23 1.52 25.06
CA LEU A 259 4.77 1.19 23.75
C LEU A 259 6.31 1.46 23.71
N PRO A 260 7.01 0.75 22.79
CA PRO A 260 8.43 1.02 22.58
C PRO A 260 8.76 2.52 22.29
N VAL A 261 9.93 2.97 22.76
CA VAL A 261 10.38 4.36 22.60
C VAL A 261 11.70 4.44 21.83
N ALA A 262 11.68 5.17 20.73
CA ALA A 262 12.87 5.35 19.90
C ALA A 262 13.98 6.09 20.71
N PRO A 263 15.21 5.53 20.83
CA PRO A 263 16.15 6.30 21.65
C PRO A 263 16.45 7.64 21.01
N PHE A 264 16.42 7.67 19.66
CA PHE A 264 16.58 8.94 18.97
C PHE A 264 15.48 9.96 19.25
N MET A 265 14.33 9.51 19.78
CA MET A 265 13.24 10.40 20.27
C MET A 265 13.18 10.54 21.79
N ASP A 266 14.01 9.76 22.51
CA ASP A 266 14.00 9.74 23.99
C ASP A 266 14.63 10.96 24.60
N ARG A 267 13.81 11.96 24.88
CA ARG A 267 14.11 13.03 25.83
C ARG A 267 15.40 12.87 26.65
N ASP A 268 15.45 11.76 27.40
CA ASP A 268 16.60 11.41 28.26
C ASP A 268 17.98 11.21 27.55
N LYS A 269 17.98 10.95 26.22
CA LYS A 269 19.19 10.51 25.45
C LYS A 269 19.54 11.31 24.17
N VAL A 270 18.55 11.80 23.43
CA VAL A 270 18.80 12.74 22.32
C VAL A 270 19.16 14.08 22.99
N THR A 271 20.16 14.78 22.42
CA THR A 271 20.32 16.25 22.50
C THR A 271 20.36 16.72 21.07
N LYS A 272 20.12 18.00 20.87
CA LYS A 272 20.08 18.59 19.55
C LYS A 272 21.33 18.28 18.74
N ALA A 273 22.49 18.54 19.34
CA ALA A 273 23.72 18.48 18.60
C ALA A 273 23.97 17.03 18.20
N THR A 274 23.69 16.09 19.09
CA THR A 274 23.98 14.71 18.74
C THR A 274 22.97 14.29 17.68
N ALA A 275 21.69 14.66 17.85
CA ALA A 275 20.65 14.37 16.84
C ALA A 275 21.14 14.76 15.42
N GLN A 276 21.59 16.01 15.27
CA GLN A 276 21.89 16.53 13.95
C GLN A 276 23.25 16.13 13.40
N ILE A 277 24.25 15.96 14.27
CA ILE A 277 25.58 15.53 13.79
C ILE A 277 25.44 14.25 12.93
N GLY A 278 24.71 13.26 13.45
CA GLY A 278 24.54 11.98 12.75
C GLY A 278 23.68 12.09 11.52
N PHE A 279 22.56 12.79 11.64
CA PHE A 279 21.70 12.99 10.47
C PHE A 279 22.43 13.67 9.33
N ILE A 280 23.24 14.69 9.65
CA ILE A 280 23.95 15.44 8.61
C ILE A 280 25.05 14.55 8.01
N LYS A 281 25.85 13.93 8.86
CA LYS A 281 26.96 13.08 8.42
C LYS A 281 26.52 11.89 7.58
N PHE A 282 25.51 11.15 8.04
CA PHE A 282 25.20 9.87 7.40
C PHE A 282 23.90 9.87 6.60
N VAL A 283 23.06 10.88 6.67
CA VAL A 283 21.83 10.89 5.82
C VAL A 283 21.95 12.01 4.78
N LEU A 284 22.01 13.25 5.26
CA LEU A 284 22.01 14.40 4.36
C LEU A 284 23.26 14.50 3.48
N ILE A 285 24.44 14.61 4.04
CA ILE A 285 25.61 14.80 3.17
C ILE A 285 25.69 13.74 2.02
N PRO A 286 25.67 12.44 2.35
CA PRO A 286 25.75 11.42 1.33
C PRO A 286 24.69 11.54 0.24
N MET A 287 23.47 11.90 0.63
CA MET A 287 22.42 12.04 -0.35
C MET A 287 22.74 13.19 -1.34
N PHE A 288 23.09 14.36 -0.81
CA PHE A 288 23.39 15.50 -1.67
C PHE A 288 24.70 15.29 -2.41
N GLU A 289 25.57 14.46 -1.85
CA GLU A 289 26.83 14.12 -2.52
C GLU A 289 26.55 13.40 -3.82
N THR A 290 25.60 12.46 -3.79
CA THR A 290 25.28 11.77 -5.03
C THR A 290 24.48 12.68 -5.93
N VAL A 291 23.58 13.51 -5.42
CA VAL A 291 22.94 14.49 -6.31
C VAL A 291 24.00 15.34 -7.06
N THR A 292 25.12 15.62 -6.40
CA THR A 292 26.10 16.57 -6.93
C THR A 292 26.83 16.02 -8.13
N LYS A 293 26.85 14.70 -8.21
CA LYS A 293 27.40 14.03 -9.37
C LYS A 293 26.63 14.35 -10.63
N LEU A 294 25.31 14.51 -10.55
CA LEU A 294 24.54 15.02 -11.70
C LEU A 294 24.51 16.56 -11.82
N PHE A 295 24.59 17.27 -10.69
CA PHE A 295 24.41 18.72 -10.63
C PHE A 295 25.46 19.35 -9.73
N PRO A 296 26.64 19.60 -10.27
CA PRO A 296 27.82 20.01 -9.47
C PRO A 296 27.68 21.36 -8.73
N MET A 297 26.85 22.25 -9.24
CA MET A 297 26.58 23.47 -8.53
C MET A 297 25.88 23.16 -7.17
N VAL A 298 25.30 21.99 -7.02
CA VAL A 298 24.67 21.66 -5.76
C VAL A 298 25.68 21.62 -4.61
N GLU A 299 26.94 21.38 -4.92
CA GLU A 299 27.94 21.27 -3.84
C GLU A 299 28.11 22.59 -3.18
N GLU A 300 28.35 23.60 -4.00
CA GLU A 300 28.66 24.90 -3.49
C GLU A 300 27.50 25.46 -2.69
N ILE A 301 26.28 25.27 -3.17
CA ILE A 301 25.10 25.89 -2.57
C ILE A 301 24.53 25.09 -1.40
N MET A 302 24.76 23.78 -1.36
CA MET A 302 24.07 22.90 -0.37
C MET A 302 24.98 21.93 0.44
N LEU A 303 26.06 21.42 -0.13
CA LEU A 303 26.96 20.66 0.70
C LEU A 303 27.71 21.61 1.67
N GLN A 304 28.16 22.77 1.20
CA GLN A 304 28.93 23.72 2.03
C GLN A 304 28.19 24.09 3.33
N PRO A 305 26.94 24.55 3.20
CA PRO A 305 26.19 24.81 4.41
C PRO A 305 26.08 23.60 5.34
N LEU A 306 25.76 22.42 4.78
CA LEU A 306 25.72 21.18 5.55
C LEU A 306 27.06 20.96 6.26
N TRP A 307 28.18 21.27 5.61
CA TRP A 307 29.46 21.05 6.28
C TRP A 307 29.64 21.96 7.47
N GLU A 308 29.23 23.21 7.26
CA GLU A 308 29.32 24.19 8.30
C GLU A 308 28.42 23.79 9.45
N SER A 309 27.21 23.34 9.15
CA SER A 309 26.31 22.93 10.21
C SER A 309 26.89 21.73 11.00
N ARG A 310 27.39 20.72 10.28
CA ARG A 310 27.97 19.53 10.91
C ARG A 310 28.99 20.02 11.95
N ASP A 311 29.84 20.92 11.47
CA ASP A 311 30.95 21.43 12.24
C ASP A 311 30.54 22.26 13.46
N ARG A 312 29.48 23.06 13.33
CA ARG A 312 28.96 23.80 14.48
C ARG A 312 28.29 22.90 15.54
N TYR A 313 27.39 22.04 15.14
CA TYR A 313 26.83 21.12 16.10
C TYR A 313 27.92 20.29 16.81
N GLU A 314 28.98 19.90 16.09
CA GLU A 314 30.15 19.24 16.74
C GLU A 314 30.75 20.07 17.87
N GLU A 315 30.88 21.38 17.61
CA GLU A 315 31.27 22.39 18.60
C GLU A 315 30.29 22.47 19.75
N LEU A 316 29.01 22.66 19.44
CA LEU A 316 27.96 22.77 20.46
C LEU A 316 27.92 21.51 21.30
N LYS A 317 28.07 20.35 20.67
CA LYS A 317 28.11 19.09 21.40
C LYS A 317 29.23 19.05 22.43
N ARG A 318 30.39 19.60 22.10
CA ARG A 318 31.52 19.56 23.03
C ARG A 318 31.14 20.30 24.33
N ILE A 319 30.34 21.34 24.18
CA ILE A 319 29.89 22.20 25.30
C ILE A 319 28.72 21.64 26.14
N ASP A 320 27.72 21.03 25.50
CA ASP A 320 26.63 20.30 26.20
C ASP A 320 27.11 19.24 27.15
N ASP A 321 28.18 18.57 26.73
CA ASP A 321 28.63 17.34 27.33
C ASP A 321 29.33 17.75 28.60
N ALA A 322 30.16 18.78 28.51
CA ALA A 322 30.77 19.43 29.68
C ALA A 322 29.74 19.77 30.74
N MET A 323 28.64 20.35 30.30
CA MET A 323 27.63 20.91 31.19
C MET A 323 26.65 19.86 31.70
N LYS A 324 26.16 19.01 30.80
CA LYS A 324 25.37 17.90 31.26
C LYS A 324 26.18 17.07 32.25
N GLU A 325 27.50 17.16 32.25
CA GLU A 325 28.29 16.43 33.25
C GLU A 325 28.19 17.06 34.66
N LEU A 326 27.84 18.35 34.71
CA LEU A 326 27.60 19.02 36.00
C LEU A 326 26.15 18.72 36.48
N GLN A 327 25.15 18.45 35.60
CA GLN A 327 23.88 17.88 36.14
C GLN A 327 24.18 16.63 37.07
N LYS A 328 24.75 15.51 36.58
CA LYS A 328 25.08 14.31 37.48
C LYS A 328 25.33 14.68 38.98
N GLY B 1 -25.11 -44.15 10.17
CA GLY B 1 -24.86 -45.12 11.27
C GLY B 1 -25.55 -44.74 12.60
N SER B 2 -25.98 -43.45 12.68
CA SER B 2 -26.33 -42.74 13.98
C SER B 2 -27.72 -42.99 14.65
N HIS B 3 -27.74 -43.15 15.99
CA HIS B 3 -28.94 -43.63 16.76
C HIS B 3 -30.16 -42.68 16.89
N MET B 4 -29.95 -41.42 16.59
CA MET B 4 -30.98 -40.38 16.68
C MET B 4 -30.50 -39.29 15.75
N THR B 5 -31.35 -38.29 15.54
CA THR B 5 -31.06 -37.22 14.60
C THR B 5 -30.46 -36.05 15.31
N TYR B 6 -29.51 -35.39 14.68
CA TYR B 6 -28.95 -34.20 15.28
C TYR B 6 -29.15 -33.05 14.33
N PRO B 7 -29.17 -31.83 14.87
CA PRO B 7 -29.10 -30.57 14.13
C PRO B 7 -28.03 -30.58 13.07
N LYS B 8 -28.24 -29.72 12.09
CA LYS B 8 -27.36 -29.67 10.95
C LYS B 8 -26.00 -29.12 11.38
N TYR B 9 -26.00 -28.28 12.41
CA TYR B 9 -24.77 -27.54 12.80
C TYR B 9 -23.93 -28.38 13.70
N LEU B 10 -24.46 -29.54 14.09
CA LEU B 10 -23.61 -30.57 14.66
C LEU B 10 -23.23 -31.49 13.51
N LEU B 11 -22.04 -31.27 12.93
CA LEU B 11 -21.57 -31.99 11.73
C LEU B 11 -21.48 -33.45 12.05
N SER B 12 -21.94 -34.31 11.13
CA SER B 12 -21.86 -35.77 11.32
C SER B 12 -20.45 -36.27 11.05
N PRO B 13 -20.08 -37.39 11.62
CA PRO B 13 -18.74 -37.88 11.44
C PRO B 13 -18.32 -37.97 9.99
N GLU B 14 -19.27 -38.28 9.11
CA GLU B 14 -18.97 -38.34 7.67
C GLU B 14 -18.65 -36.95 7.14
N THR B 15 -19.43 -35.92 7.46
CA THR B 15 -19.10 -34.60 7.01
C THR B 15 -17.65 -34.27 7.41
N ILE B 16 -17.38 -34.47 8.69
CA ILE B 16 -16.09 -34.18 9.26
C ILE B 16 -14.98 -34.84 8.53
N GLU B 17 -15.17 -36.09 8.13
CA GLU B 17 -14.08 -36.73 7.41
C GLU B 17 -14.04 -36.36 5.90
N ALA B 18 -15.17 -35.98 5.28
CA ALA B 18 -15.21 -35.56 3.86
C ALA B 18 -14.61 -34.18 3.65
N LEU B 19 -14.50 -33.44 4.74
CA LEU B 19 -14.15 -32.03 4.70
C LEU B 19 -12.67 -31.92 4.43
N ARG B 20 -11.92 -33.02 4.53
CA ARG B 20 -10.48 -32.98 4.36
C ARG B 20 -10.05 -33.17 2.94
N LYS B 21 -11.01 -33.38 2.07
CA LYS B 21 -10.69 -33.65 0.67
C LYS B 21 -11.30 -32.57 -0.22
N PRO B 22 -10.66 -32.29 -1.36
CA PRO B 22 -11.14 -31.27 -2.36
C PRO B 22 -12.40 -31.70 -3.13
N THR B 23 -12.60 -33.00 -3.02
CA THR B 23 -13.84 -33.67 -3.22
C THR B 23 -15.12 -33.02 -2.69
N PHE B 24 -15.05 -32.43 -1.48
CA PHE B 24 -16.20 -31.95 -0.69
C PHE B 24 -17.17 -31.06 -1.47
N ASP B 25 -18.48 -31.29 -1.32
CA ASP B 25 -19.52 -30.55 -2.08
C ASP B 25 -19.92 -29.28 -1.35
N VAL B 26 -19.17 -28.23 -1.67
CA VAL B 26 -19.33 -26.93 -1.06
C VAL B 26 -20.76 -26.46 -1.13
N TRP B 27 -21.55 -26.96 -2.09
CA TRP B 27 -22.95 -26.51 -2.30
C TRP B 27 -23.98 -27.12 -1.35
N LEU B 28 -23.63 -28.19 -0.66
CA LEU B 28 -24.63 -28.85 0.17
C LEU B 28 -24.99 -28.09 1.42
N TRP B 29 -24.32 -27.02 1.73
CA TRP B 29 -24.32 -26.60 3.10
C TRP B 29 -24.85 -25.22 3.29
N GLU B 30 -25.61 -25.01 4.36
CA GLU B 30 -26.02 -23.68 4.70
C GLU B 30 -24.97 -22.90 5.46
N PRO B 31 -25.18 -21.58 5.60
CA PRO B 31 -24.16 -20.80 6.27
C PRO B 31 -23.76 -21.33 7.65
N ASN B 32 -24.73 -21.69 8.47
CA ASN B 32 -24.36 -22.12 9.80
C ASN B 32 -23.59 -23.47 9.73
N GLU B 33 -23.92 -24.33 8.80
CA GLU B 33 -23.14 -25.55 8.62
C GLU B 33 -21.71 -25.25 8.20
N MET B 34 -21.56 -24.37 7.23
CA MET B 34 -20.23 -23.93 6.78
C MET B 34 -19.46 -23.28 7.93
N LEU B 35 -20.18 -22.55 8.80
CA LEU B 35 -19.53 -21.94 9.97
C LEU B 35 -18.99 -22.98 10.96
N SER B 36 -19.77 -24.05 11.13
CA SER B 36 -19.42 -25.15 12.00
C SER B 36 -18.20 -25.80 11.49
N CYS B 37 -18.07 -25.80 10.17
CA CYS B 37 -16.95 -26.42 9.48
C CYS B 37 -15.67 -25.70 9.71
N LEU B 38 -15.72 -24.41 9.42
CA LEU B 38 -14.55 -23.56 9.62
C LEU B 38 -14.10 -23.75 11.08
N GLU B 39 -15.08 -23.73 11.99
CA GLU B 39 -14.81 -23.91 13.41
C GLU B 39 -13.97 -25.19 13.68
N HIS B 40 -14.50 -26.30 13.22
CA HIS B 40 -13.86 -27.57 13.37
C HIS B 40 -12.45 -27.57 12.80
N MET B 41 -12.29 -26.91 11.65
CA MET B 41 -10.95 -26.80 11.04
C MET B 41 -9.93 -26.24 12.05
N TYR B 42 -10.32 -25.18 12.74
CA TYR B 42 -9.42 -24.51 13.66
C TYR B 42 -9.08 -25.41 14.79
N HIS B 43 -10.06 -26.23 15.19
CA HIS B 43 -9.85 -27.14 16.31
C HIS B 43 -8.99 -28.27 15.90
N ASP B 44 -9.40 -28.92 14.83
CA ASP B 44 -8.72 -30.08 14.27
C ASP B 44 -7.28 -29.87 13.88
N LEU B 45 -6.94 -28.71 13.32
CA LEU B 45 -5.54 -28.36 12.94
C LEU B 45 -4.65 -28.02 14.17
N GLY B 46 -5.23 -28.06 15.38
CA GLY B 46 -4.54 -27.78 16.61
C GLY B 46 -4.32 -26.33 16.93
N LEU B 47 -5.00 -25.44 16.21
CA LEU B 47 -4.79 -24.00 16.31
C LEU B 47 -5.48 -23.44 17.53
N VAL B 48 -6.64 -24.00 17.87
CA VAL B 48 -7.35 -23.66 19.12
C VAL B 48 -6.45 -23.96 20.31
N ARG B 49 -5.81 -25.13 20.23
CA ARG B 49 -4.90 -25.62 21.29
C ARG B 49 -3.67 -24.77 21.38
N ASP B 50 -2.97 -24.62 20.26
CA ASP B 50 -1.64 -23.97 20.28
C ASP B 50 -1.64 -22.46 20.39
N PHE B 51 -2.75 -21.79 20.14
CA PHE B 51 -2.80 -20.33 20.31
C PHE B 51 -3.82 -19.87 21.33
N SER B 52 -4.36 -20.87 22.06
CA SER B 52 -5.24 -20.60 23.16
C SER B 52 -6.37 -19.71 22.72
N ILE B 53 -7.10 -20.13 21.67
CA ILE B 53 -8.20 -19.35 21.17
C ILE B 53 -9.38 -19.71 22.06
N ASN B 54 -10.03 -18.71 22.65
CA ASN B 54 -11.20 -18.97 23.53
C ASN B 54 -12.23 -19.44 22.49
N PRO B 55 -12.81 -20.64 22.69
CA PRO B 55 -13.57 -21.20 21.60
C PRO B 55 -14.86 -20.46 21.33
N VAL B 56 -15.38 -19.76 22.31
CA VAL B 56 -16.58 -18.94 22.07
C VAL B 56 -16.16 -17.79 21.13
N THR B 57 -15.01 -17.19 21.40
CA THR B 57 -14.52 -16.15 20.53
C THR B 57 -14.35 -16.66 19.10
N LEU B 58 -13.80 -17.87 18.94
CA LEU B 58 -13.65 -18.46 17.61
C LEU B 58 -15.01 -18.47 16.86
N ARG B 59 -16.07 -18.73 17.60
CA ARG B 59 -17.37 -18.77 16.98
C ARG B 59 -17.91 -17.41 16.58
N ARG B 60 -17.81 -16.48 17.51
CA ARG B 60 -18.24 -15.12 17.33
C ARG B 60 -17.47 -14.52 16.16
N TRP B 61 -16.15 -14.73 16.19
CA TRP B 61 -15.28 -14.28 15.11
C TRP B 61 -15.75 -14.83 13.79
N LEU B 62 -15.98 -16.14 13.70
CA LEU B 62 -16.46 -16.72 12.44
C LEU B 62 -17.81 -16.09 12.01
N PHE B 63 -18.73 -15.93 12.96
CA PHE B 63 -20.06 -15.34 12.68
C PHE B 63 -19.95 -13.94 12.12
N CYS B 64 -19.00 -13.25 12.69
CA CYS B 64 -18.78 -11.88 12.33
C CYS B 64 -18.09 -11.76 10.97
N VAL B 65 -17.06 -12.56 10.73
CA VAL B 65 -16.55 -12.69 9.36
C VAL B 65 -17.70 -12.96 8.39
N HIS B 66 -18.58 -13.89 8.73
CA HIS B 66 -19.72 -14.15 7.84
C HIS B 66 -20.60 -12.94 7.61
N ASP B 67 -20.84 -12.13 8.61
CA ASP B 67 -21.68 -10.95 8.42
C ASP B 67 -21.06 -9.96 7.44
N ASN B 68 -19.74 -9.93 7.43
CA ASN B 68 -19.00 -8.95 6.64
C ASN B 68 -18.67 -9.35 5.25
N TYR B 69 -19.09 -10.55 4.85
CA TYR B 69 -19.16 -10.87 3.44
C TYR B 69 -20.47 -10.39 2.91
N ARG B 70 -20.48 -10.02 1.64
CA ARG B 70 -21.68 -9.56 0.97
C ARG B 70 -22.36 -10.63 0.16
N ASN B 71 -23.61 -10.38 -0.24
CA ASN B 71 -24.33 -11.35 -1.07
C ASN B 71 -24.10 -11.11 -2.50
N ASN B 72 -22.83 -11.05 -2.90
CA ASN B 72 -22.43 -11.04 -4.31
C ASN B 72 -22.67 -12.42 -4.92
N PRO B 73 -22.82 -12.49 -6.24
CA PRO B 73 -22.97 -13.80 -6.89
C PRO B 73 -21.79 -14.70 -6.76
N PHE B 74 -20.59 -14.17 -6.64
CA PHE B 74 -19.41 -15.01 -6.58
C PHE B 74 -18.53 -14.70 -5.36
N HIS B 75 -18.26 -13.42 -5.11
CA HIS B 75 -17.39 -13.00 -4.00
C HIS B 75 -18.13 -12.84 -2.69
N ASN B 76 -18.51 -14.01 -2.16
CA ASN B 76 -19.48 -14.15 -1.09
C ASN B 76 -18.95 -15.13 -0.04
N PHE B 77 -19.72 -15.36 1.03
CA PHE B 77 -19.22 -16.20 2.11
C PHE B 77 -18.84 -17.60 1.61
N ARG B 78 -19.64 -18.13 0.68
CA ARG B 78 -19.41 -19.48 0.18
C ARG B 78 -18.07 -19.57 -0.57
N HIS B 79 -17.71 -18.51 -1.31
CA HIS B 79 -16.35 -18.41 -1.89
C HIS B 79 -15.31 -18.61 -0.80
N CYS B 80 -15.49 -17.93 0.32
CA CYS B 80 -14.42 -17.89 1.26
C CYS B 80 -14.31 -19.24 1.90
N PHE B 81 -15.46 -19.85 2.13
CA PHE B 81 -15.50 -21.23 2.59
C PHE B 81 -14.71 -22.15 1.63
N CYS B 82 -14.90 -22.00 0.31
CA CYS B 82 -14.13 -22.80 -0.67
C CYS B 82 -12.67 -22.57 -0.50
N VAL B 83 -12.28 -21.31 -0.50
CA VAL B 83 -10.87 -21.06 -0.40
C VAL B 83 -10.29 -21.67 0.91
N ALA B 84 -10.94 -21.43 2.05
CA ALA B 84 -10.49 -22.01 3.35
C ALA B 84 -10.48 -23.54 3.31
N GLN B 85 -11.51 -24.15 2.73
CA GLN B 85 -11.59 -25.61 2.73
C GLN B 85 -10.57 -26.23 1.81
N MET B 86 -10.19 -25.50 0.77
CA MET B 86 -9.19 -26.01 -0.15
C MET B 86 -7.81 -25.90 0.51
N MET B 87 -7.59 -24.85 1.29
CA MET B 87 -6.38 -24.76 2.10
C MET B 87 -6.33 -25.92 3.11
N TYR B 88 -7.45 -26.23 3.75
CA TYR B 88 -7.55 -27.35 4.68
C TYR B 88 -7.29 -28.67 3.96
N SER B 89 -7.78 -28.81 2.76
CA SER B 89 -7.50 -30.03 1.97
C SER B 89 -6.03 -30.20 1.72
N MET B 90 -5.37 -29.08 1.51
CA MET B 90 -3.96 -29.08 1.17
C MET B 90 -3.04 -29.20 2.35
N VAL B 91 -3.48 -28.72 3.49
CA VAL B 91 -2.77 -29.05 4.68
C VAL B 91 -2.62 -30.58 4.79
N TRP B 92 -3.67 -31.30 4.52
CA TRP B 92 -3.59 -32.75 4.59
C TRP B 92 -2.92 -33.37 3.40
N LEU B 93 -3.31 -32.97 2.19
CA LEU B 93 -2.76 -33.57 0.96
C LEU B 93 -1.26 -33.41 0.88
N CYS B 94 -0.74 -32.25 1.26
CA CYS B 94 0.68 -31.99 1.14
C CYS B 94 1.44 -32.12 2.46
N SER B 95 0.75 -32.52 3.54
CA SER B 95 1.37 -32.71 4.86
C SER B 95 2.07 -31.42 5.27
N LEU B 96 1.35 -30.34 5.11
CA LEU B 96 1.95 -29.06 5.34
C LEU B 96 2.43 -28.95 6.78
N GLN B 97 1.88 -29.76 7.68
CA GLN B 97 2.19 -29.67 9.11
C GLN B 97 3.63 -30.12 9.39
N GLU B 98 4.15 -30.98 8.52
CA GLU B 98 5.59 -31.34 8.52
C GLU B 98 6.50 -30.17 8.10
N LYS B 99 6.10 -29.37 7.13
CA LYS B 99 6.93 -28.32 6.60
C LYS B 99 6.75 -26.97 7.31
N PHE B 100 5.58 -26.75 7.88
CA PHE B 100 5.19 -25.42 8.33
C PHE B 100 4.94 -25.34 9.82
N SER B 101 5.17 -24.17 10.42
CA SER B 101 4.84 -23.99 11.83
C SER B 101 3.36 -23.83 11.97
N GLN B 102 2.88 -23.99 13.20
CA GLN B 102 1.49 -23.76 13.44
C GLN B 102 1.23 -22.29 13.23
N THR B 103 2.20 -21.43 13.50
CA THR B 103 1.95 -20.02 13.22
C THR B 103 1.67 -19.87 11.74
N ASP B 104 2.49 -20.51 10.92
CA ASP B 104 2.26 -20.46 9.49
C ASP B 104 0.91 -21.04 9.08
N ILE B 105 0.48 -22.13 9.71
CA ILE B 105 -0.79 -22.74 9.32
C ILE B 105 -1.93 -21.77 9.71
N LEU B 106 -1.77 -21.09 10.86
CA LEU B 106 -2.78 -20.15 11.33
C LEU B 106 -2.90 -18.96 10.34
N ILE B 107 -1.79 -18.54 9.74
CA ILE B 107 -1.80 -17.49 8.75
C ILE B 107 -2.49 -17.98 7.46
N LEU B 108 -2.09 -19.13 6.99
CA LEU B 108 -2.68 -19.64 5.78
C LEU B 108 -4.18 -19.70 5.97
N MET B 109 -4.63 -20.20 7.12
CA MET B 109 -6.08 -20.34 7.33
C MET B 109 -6.85 -19.02 7.52
N THR B 110 -6.33 -18.13 8.37
CA THR B 110 -7.03 -16.89 8.66
C THR B 110 -6.98 -15.99 7.43
N ALA B 111 -5.84 -15.99 6.73
CA ALA B 111 -5.74 -15.32 5.43
C ALA B 111 -6.77 -15.84 4.45
N ALA B 112 -6.92 -17.16 4.36
CA ALA B 112 -7.86 -17.75 3.41
C ALA B 112 -9.25 -17.28 3.73
N ILE B 113 -9.67 -17.41 4.99
CA ILE B 113 -11.02 -17.04 5.43
C ILE B 113 -11.33 -15.56 5.22
N CYS B 114 -10.32 -14.70 5.34
CA CYS B 114 -10.62 -13.28 5.30
C CYS B 114 -10.38 -12.59 3.99
N HIS B 115 -9.67 -13.25 3.08
CA HIS B 115 -9.10 -12.58 1.92
C HIS B 115 -10.07 -11.80 1.02
N ASP B 116 -11.37 -12.07 1.09
CA ASP B 116 -12.33 -11.27 0.29
C ASP B 116 -13.39 -10.48 1.10
N LEU B 117 -13.05 -10.11 2.33
CA LEU B 117 -14.02 -9.47 3.24
C LEU B 117 -14.57 -8.21 2.60
N ASP B 118 -15.88 -8.06 2.70
CA ASP B 118 -16.59 -6.89 2.20
C ASP B 118 -16.29 -6.56 0.74
N HIS B 119 -16.12 -7.60 -0.08
CA HIS B 119 -16.02 -7.40 -1.53
C HIS B 119 -17.28 -6.69 -2.11
N PRO B 120 -17.09 -5.64 -2.92
CA PRO B 120 -18.28 -4.94 -3.44
C PRO B 120 -18.85 -5.52 -4.75
N GLY B 121 -18.27 -6.60 -5.24
CA GLY B 121 -18.63 -7.16 -6.52
C GLY B 121 -18.15 -6.50 -7.81
N TYR B 122 -17.16 -5.63 -7.74
CA TYR B 122 -16.54 -5.01 -8.93
C TYR B 122 -15.05 -4.89 -8.66
N ASN B 123 -14.24 -5.22 -9.65
CA ASN B 123 -12.81 -5.41 -9.43
C ASN B 123 -11.98 -4.10 -9.29
N ASN B 124 -10.67 -4.24 -9.09
CA ASN B 124 -9.84 -3.06 -8.95
C ASN B 124 -9.91 -2.18 -10.22
N THR B 125 -9.99 -2.77 -11.42
CA THR B 125 -10.08 -1.95 -12.61
C THR B 125 -11.30 -1.03 -12.54
N TYR B 126 -12.41 -1.55 -12.01
CA TYR B 126 -13.58 -0.69 -11.92
C TYR B 126 -13.33 0.36 -10.89
N GLN B 127 -12.86 -0.05 -9.71
CA GLN B 127 -12.55 0.96 -8.70
C GLN B 127 -11.68 2.08 -9.25
N ILE B 128 -10.61 1.71 -9.98
CA ILE B 128 -9.65 2.71 -10.48
C ILE B 128 -10.24 3.59 -11.59
N ASN B 129 -10.87 2.99 -12.59
CA ASN B 129 -11.43 3.79 -13.65
C ASN B 129 -12.57 4.72 -13.19
N ALA B 130 -13.35 4.21 -12.22
CA ALA B 130 -14.50 4.92 -11.66
C ALA B 130 -14.03 5.95 -10.67
N ARG B 131 -12.74 5.91 -10.36
CA ARG B 131 -12.16 6.74 -9.29
C ARG B 131 -13.02 6.63 -8.02
N THR B 132 -13.25 5.39 -7.60
CA THR B 132 -14.05 5.13 -6.41
C THR B 132 -13.40 5.67 -5.12
N GLU B 133 -14.15 5.68 -4.04
CA GLU B 133 -13.60 6.04 -2.73
C GLU B 133 -12.44 5.16 -2.36
N LEU B 134 -12.65 3.86 -2.53
CA LEU B 134 -11.59 2.87 -2.28
C LEU B 134 -10.37 3.11 -3.14
N ALA B 135 -10.58 3.47 -4.41
CA ALA B 135 -9.45 3.69 -5.32
C ALA B 135 -8.70 4.93 -4.83
N VAL B 136 -9.43 5.99 -4.55
CA VAL B 136 -8.77 7.24 -4.09
C VAL B 136 -8.04 7.03 -2.75
N ARG B 137 -8.67 6.23 -1.88
CA ARG B 137 -8.12 6.02 -0.55
C ARG B 137 -6.79 5.22 -0.57
N TYR B 138 -6.72 4.17 -1.40
CA TYR B 138 -5.54 3.30 -1.46
C TYR B 138 -4.58 3.64 -2.60
N ASN B 139 -4.77 4.83 -3.19
CA ASN B 139 -3.90 5.37 -4.22
C ASN B 139 -3.71 4.39 -5.39
N ASP B 140 -4.85 3.84 -5.83
CA ASP B 140 -4.89 2.89 -6.91
C ASP B 140 -4.06 1.61 -6.64
N ILE B 141 -3.57 1.38 -5.43
CA ILE B 141 -2.74 0.20 -5.15
C ILE B 141 -3.57 -0.95 -4.54
N SER B 142 -3.71 -2.07 -5.24
CA SER B 142 -4.51 -3.19 -4.78
C SER B 142 -5.62 -2.73 -3.83
N PRO B 143 -6.52 -1.87 -4.29
CA PRO B 143 -7.50 -1.29 -3.36
C PRO B 143 -8.41 -2.28 -2.67
N LEU B 144 -8.98 -3.19 -3.42
CA LEU B 144 -9.88 -4.20 -2.85
C LEU B 144 -9.17 -5.04 -1.81
N GLU B 145 -7.98 -5.54 -2.14
CA GLU B 145 -7.28 -6.43 -1.25
C GLU B 145 -6.80 -5.68 0.01
N ASN B 146 -6.36 -4.43 -0.15
CA ASN B 146 -6.00 -3.58 1.00
C ASN B 146 -7.21 -3.46 1.91
N HIS B 147 -8.38 -3.38 1.26
CA HIS B 147 -9.61 -3.18 1.94
C HIS B 147 -10.02 -4.44 2.67
N HIS B 148 -9.86 -5.57 2.01
CA HIS B 148 -10.29 -6.83 2.62
C HIS B 148 -9.52 -7.02 3.90
N CYS B 149 -8.24 -6.80 3.78
CA CYS B 149 -7.32 -6.90 4.86
C CYS B 149 -7.62 -5.90 6.02
N ALA B 150 -7.95 -4.65 5.72
CA ALA B 150 -8.26 -3.72 6.77
C ALA B 150 -9.51 -4.18 7.50
N VAL B 151 -10.54 -4.55 6.76
CA VAL B 151 -11.75 -5.11 7.41
C VAL B 151 -11.37 -6.34 8.32
N ALA B 152 -10.60 -7.29 7.80
CA ALA B 152 -10.06 -8.40 8.62
C ALA B 152 -9.60 -7.96 10.01
N PHE B 153 -8.74 -6.96 10.06
CA PHE B 153 -8.10 -6.62 11.34
C PHE B 153 -8.97 -5.66 12.19
N GLN B 154 -9.85 -4.94 11.50
CA GLN B 154 -10.93 -4.22 12.14
C GLN B 154 -11.81 -5.15 12.97
N ILE B 155 -12.14 -6.32 12.40
CA ILE B 155 -12.92 -7.33 13.09
C ILE B 155 -12.13 -7.84 14.29
N LEU B 156 -10.90 -8.29 14.02
CA LEU B 156 -10.00 -8.84 15.05
C LEU B 156 -9.68 -7.85 16.19
N ALA B 157 -9.91 -6.56 15.96
CA ALA B 157 -9.66 -5.55 16.96
C ALA B 157 -10.83 -5.42 17.93
N GLU B 158 -11.98 -5.92 17.55
CA GLU B 158 -13.10 -5.96 18.47
C GLU B 158 -12.82 -7.08 19.45
N PRO B 159 -12.92 -6.78 20.74
CA PRO B 159 -12.35 -7.73 21.69
C PRO B 159 -13.14 -9.03 21.72
N GLU B 160 -14.42 -8.98 21.35
CA GLU B 160 -15.31 -10.12 21.43
C GLU B 160 -15.01 -11.06 20.32
N CYS B 161 -14.28 -10.57 19.34
CA CYS B 161 -13.94 -11.34 18.15
C CYS B 161 -12.46 -11.74 17.99
N ASN B 162 -11.63 -11.38 18.96
CA ASN B 162 -10.21 -11.39 18.74
C ASN B 162 -9.67 -12.74 19.03
N ILE B 163 -9.75 -13.61 18.03
CA ILE B 163 -9.26 -14.99 18.21
C ILE B 163 -7.75 -15.06 18.55
N PHE B 164 -7.06 -13.93 18.39
CA PHE B 164 -5.65 -13.82 18.72
C PHE B 164 -5.43 -13.24 20.09
N SER B 165 -6.49 -12.92 20.82
CA SER B 165 -6.34 -12.27 22.14
C SER B 165 -5.32 -12.89 23.09
N ASN B 166 -5.02 -14.19 22.99
CA ASN B 166 -4.02 -14.78 23.91
C ASN B 166 -2.65 -15.03 23.33
N ILE B 167 -2.29 -14.39 22.25
CA ILE B 167 -1.02 -14.60 21.58
C ILE B 167 -0.17 -13.40 22.02
N PRO B 168 1.10 -13.62 22.34
CA PRO B 168 1.91 -12.47 22.77
C PRO B 168 2.00 -11.47 21.63
N PRO B 169 2.41 -10.21 21.91
CA PRO B 169 2.40 -9.22 20.79
C PRO B 169 3.42 -9.51 19.69
N ASP B 170 4.51 -10.18 20.02
CA ASP B 170 5.43 -10.62 18.99
C ASP B 170 4.81 -11.55 17.99
N GLY B 171 4.12 -12.57 18.47
CA GLY B 171 3.41 -13.48 17.60
C GLY B 171 2.33 -12.75 16.84
N PHE B 172 1.57 -11.93 17.52
CA PHE B 172 0.56 -11.19 16.82
C PHE B 172 1.10 -10.45 15.62
N LYS B 173 2.19 -9.74 15.84
CA LYS B 173 2.81 -8.93 14.82
C LYS B 173 3.21 -9.83 13.62
N GLN B 174 3.70 -11.02 13.92
CA GLN B 174 4.17 -11.94 12.92
C GLN B 174 3.02 -12.54 12.13
N ILE B 175 1.90 -12.79 12.80
CA ILE B 175 0.69 -13.33 12.17
C ILE B 175 0.11 -12.23 11.33
N ARG B 176 0.16 -10.98 11.79
CA ARG B 176 -0.50 -9.93 11.08
C ARG B 176 0.25 -9.69 9.80
N GLN B 177 1.57 -9.66 9.89
CA GLN B 177 2.39 -9.42 8.73
C GLN B 177 2.13 -10.47 7.66
N GLY B 178 2.07 -11.73 8.09
CA GLY B 178 1.81 -12.84 7.18
C GLY B 178 0.48 -12.70 6.48
N MET B 179 -0.52 -12.35 7.25
CA MET B 179 -1.83 -12.23 6.75
C MET B 179 -1.91 -11.14 5.66
N ILE B 180 -1.31 -10.00 5.94
CA ILE B 180 -1.23 -8.90 5.00
C ILE B 180 -0.54 -9.39 3.71
N THR B 181 0.68 -9.88 3.82
CA THR B 181 1.42 -10.35 2.64
C THR B 181 0.51 -11.27 1.80
N LEU B 182 -0.12 -12.22 2.50
CA LEU B 182 -0.94 -13.25 1.82
C LEU B 182 -2.20 -12.69 1.21
N ILE B 183 -2.95 -11.86 1.93
CA ILE B 183 -4.18 -11.32 1.33
C ILE B 183 -3.84 -10.43 0.12
N LEU B 184 -2.78 -9.61 0.22
CA LEU B 184 -2.38 -8.77 -0.89
C LEU B 184 -1.86 -9.61 -2.04
N ALA B 185 -1.31 -10.78 -1.76
CA ALA B 185 -0.83 -11.69 -2.80
C ALA B 185 -1.95 -12.15 -3.79
N THR B 186 -3.20 -12.10 -3.32
CA THR B 186 -4.30 -12.67 -4.06
C THR B 186 -4.71 -11.78 -5.21
N ASP B 187 -4.20 -10.55 -5.26
CA ASP B 187 -4.55 -9.64 -6.36
C ASP B 187 -3.94 -10.19 -7.63
N MET B 188 -4.77 -10.44 -8.64
CA MET B 188 -4.29 -11.13 -9.83
C MET B 188 -3.45 -10.28 -10.74
N ALA B 189 -3.41 -8.99 -10.48
CA ALA B 189 -2.52 -8.10 -11.20
C ALA B 189 -1.11 -8.48 -10.83
N ARG B 190 -0.89 -9.24 -9.77
CA ARG B 190 0.48 -9.54 -9.37
C ARG B 190 0.92 -10.95 -9.73
N HIS B 191 0.03 -11.65 -10.44
CA HIS B 191 0.21 -13.03 -10.73
C HIS B 191 1.54 -13.38 -11.36
N ALA B 192 1.85 -12.78 -12.50
CA ALA B 192 3.07 -13.09 -13.27
C ALA B 192 4.31 -12.86 -12.41
N GLU B 193 4.32 -11.70 -11.76
CA GLU B 193 5.39 -11.27 -10.85
C GLU B 193 5.63 -12.31 -9.73
N ILE B 194 4.59 -12.67 -8.96
CA ILE B 194 4.68 -13.63 -7.87
C ILE B 194 5.09 -15.00 -8.37
N MET B 195 4.46 -15.44 -9.43
CA MET B 195 4.84 -16.70 -10.08
C MET B 195 6.29 -16.75 -10.55
N ASP B 196 6.77 -15.64 -11.09
CA ASP B 196 8.18 -15.57 -11.50
C ASP B 196 9.10 -15.72 -10.29
N SER B 197 8.79 -14.98 -9.19
CA SER B 197 9.63 -15.05 -7.99
C SER B 197 9.64 -16.45 -7.45
N PHE B 198 8.47 -17.09 -7.47
CA PHE B 198 8.38 -18.42 -6.95
C PHE B 198 9.25 -19.31 -7.80
N LYS B 199 9.13 -19.17 -9.11
CA LYS B 199 9.87 -20.03 -10.03
C LYS B 199 11.37 -19.93 -9.80
N GLU B 200 11.82 -18.72 -9.51
CA GLU B 200 13.27 -18.43 -9.23
C GLU B 200 13.76 -19.21 -8.03
N LYS B 201 13.01 -19.14 -6.94
CA LYS B 201 13.33 -19.84 -5.71
C LYS B 201 13.22 -21.33 -5.95
N MET B 202 12.30 -21.75 -6.79
CA MET B 202 12.07 -23.18 -7.09
C MET B 202 13.28 -23.84 -7.72
N GLU B 203 14.10 -23.04 -8.40
CA GLU B 203 15.37 -23.56 -8.94
C GLU B 203 16.27 -24.21 -7.88
N ASN B 204 16.05 -23.90 -6.61
CA ASN B 204 16.77 -24.54 -5.53
C ASN B 204 16.02 -24.26 -4.23
N PHE B 205 14.80 -24.80 -4.13
CA PHE B 205 13.90 -24.40 -3.05
C PHE B 205 14.53 -24.81 -1.73
N ASP B 206 14.18 -24.15 -0.65
CA ASP B 206 14.79 -24.35 0.65
C ASP B 206 13.76 -24.09 1.73
N TYR B 207 13.28 -25.13 2.41
CA TYR B 207 12.20 -24.90 3.42
C TYR B 207 12.66 -24.05 4.64
N SER B 208 13.95 -23.87 4.80
CA SER B 208 14.44 -23.12 5.95
C SER B 208 14.58 -21.62 5.61
N ASN B 209 14.39 -21.25 4.36
CA ASN B 209 14.56 -19.87 3.91
C ASN B 209 13.21 -19.17 3.96
N GLU B 210 13.06 -18.23 4.90
CA GLU B 210 11.81 -17.46 5.09
C GLU B 210 11.26 -16.79 3.85
N GLU B 211 12.12 -16.38 2.91
CA GLU B 211 11.62 -15.81 1.67
C GLU B 211 11.01 -16.84 0.80
N HIS B 212 11.73 -17.95 0.69
CA HIS B 212 11.24 -19.10 -0.01
C HIS B 212 9.87 -19.48 0.54
N MET B 213 9.72 -19.48 1.85
CA MET B 213 8.45 -19.91 2.43
C MET B 213 7.31 -18.91 2.23
N THR B 214 7.62 -17.63 2.15
CA THR B 214 6.58 -16.63 1.92
C THR B 214 6.02 -16.80 0.52
N LEU B 215 6.92 -17.04 -0.42
CA LEU B 215 6.49 -17.25 -1.78
C LEU B 215 5.64 -18.50 -1.86
N LEU B 216 6.03 -19.54 -1.12
CA LEU B 216 5.21 -20.75 -1.08
C LEU B 216 3.80 -20.47 -0.55
N LYS B 217 3.75 -19.73 0.55
CA LYS B 217 2.46 -19.46 1.18
C LYS B 217 1.63 -18.61 0.25
N MET B 218 2.28 -17.67 -0.45
CA MET B 218 1.59 -16.85 -1.45
C MET B 218 1.03 -17.72 -2.61
N ILE B 219 1.86 -18.63 -3.09
CA ILE B 219 1.40 -19.60 -4.09
C ILE B 219 0.25 -20.47 -3.52
N LEU B 220 0.33 -20.91 -2.27
CA LEU B 220 -0.77 -21.72 -1.75
C LEU B 220 -2.04 -20.91 -1.62
N ILE B 221 -1.99 -19.64 -1.16
CA ILE B 221 -3.25 -18.90 -1.05
C ILE B 221 -3.83 -18.58 -2.46
N LYS B 222 -2.94 -18.30 -3.40
CA LYS B 222 -3.37 -18.11 -4.78
C LYS B 222 -4.04 -19.36 -5.35
N CYS B 223 -3.46 -20.52 -5.07
CA CYS B 223 -4.07 -21.78 -5.53
C CYS B 223 -5.46 -22.00 -5.06
N CYS B 224 -5.67 -21.81 -3.76
CA CYS B 224 -6.96 -22.10 -3.17
C CYS B 224 -7.94 -21.08 -3.65
N ASP B 225 -7.49 -19.85 -3.85
CA ASP B 225 -8.39 -18.78 -4.30
C ASP B 225 -9.06 -19.06 -5.63
N ILE B 226 -8.30 -19.55 -6.59
CA ILE B 226 -8.82 -19.71 -7.94
C ILE B 226 -9.02 -21.21 -8.21
N SER B 227 -9.24 -21.97 -7.16
CA SER B 227 -9.13 -23.43 -7.22
C SER B 227 -10.40 -24.13 -7.69
N ASN B 228 -11.43 -23.38 -8.07
CA ASN B 228 -12.74 -23.99 -8.26
C ASN B 228 -12.68 -25.14 -9.25
N GLU B 229 -12.04 -24.94 -10.39
CA GLU B 229 -11.97 -26.00 -11.42
C GLU B 229 -11.24 -27.32 -11.02
N VAL B 230 -10.52 -27.32 -9.89
CA VAL B 230 -9.93 -28.52 -9.28
C VAL B 230 -11.01 -29.47 -8.73
N ARG B 231 -12.08 -28.87 -8.23
CA ARG B 231 -13.17 -29.61 -7.65
C ARG B 231 -13.85 -30.45 -8.72
N PRO B 232 -14.53 -31.54 -8.32
CA PRO B 232 -15.41 -32.25 -9.22
C PRO B 232 -16.30 -31.36 -10.10
N MET B 233 -16.63 -31.88 -11.28
CA MET B 233 -17.29 -31.13 -12.32
C MET B 233 -18.59 -30.50 -11.82
N GLU B 234 -19.39 -31.29 -11.11
CA GLU B 234 -20.73 -30.86 -10.67
C GLU B 234 -20.60 -29.79 -9.63
N VAL B 235 -19.50 -29.81 -8.87
CA VAL B 235 -19.24 -28.80 -7.84
C VAL B 235 -18.62 -27.54 -8.44
N ALA B 236 -17.79 -27.71 -9.48
CA ALA B 236 -16.99 -26.64 -10.09
C ALA B 236 -17.83 -25.75 -10.97
N GLU B 237 -18.67 -26.36 -11.79
CA GLU B 237 -19.32 -25.63 -12.86
C GLU B 237 -20.22 -24.45 -12.46
N PRO B 238 -21.10 -24.64 -11.44
CA PRO B 238 -21.98 -23.55 -11.02
C PRO B 238 -21.24 -22.26 -10.76
N TRP B 239 -20.02 -22.36 -10.21
CA TRP B 239 -19.23 -21.19 -9.91
C TRP B 239 -18.99 -20.28 -11.09
N VAL B 240 -18.82 -20.90 -12.27
CA VAL B 240 -18.54 -20.13 -13.46
C VAL B 240 -19.71 -19.23 -13.82
N ASP B 241 -20.93 -19.72 -13.66
CA ASP B 241 -22.11 -18.89 -13.95
C ASP B 241 -22.17 -17.69 -12.99
N CYS B 242 -21.78 -17.91 -11.75
CA CYS B 242 -21.74 -16.83 -10.78
C CYS B 242 -20.74 -15.80 -11.08
N LEU B 243 -19.57 -16.25 -11.52
CA LEU B 243 -18.49 -15.33 -11.73
C LEU B 243 -18.94 -14.45 -12.91
N LEU B 244 -19.45 -15.10 -13.96
CA LEU B 244 -19.89 -14.37 -15.13
C LEU B 244 -20.99 -13.41 -14.71
N GLU B 245 -21.84 -13.80 -13.76
CA GLU B 245 -22.90 -12.92 -13.34
C GLU B 245 -22.35 -11.60 -12.85
N GLU B 246 -21.31 -11.69 -12.03
CA GLU B 246 -20.66 -10.52 -11.44
C GLU B 246 -19.95 -9.75 -12.56
N TYR B 247 -19.17 -10.47 -13.36
CA TYR B 247 -18.46 -9.86 -14.49
C TYR B 247 -19.44 -9.00 -15.30
N PHE B 248 -20.62 -9.55 -15.59
CA PHE B 248 -21.58 -8.89 -16.47
C PHE B 248 -22.20 -7.67 -15.82
N MET B 249 -22.40 -7.76 -14.51
CA MET B 249 -22.84 -6.59 -13.74
C MET B 249 -21.91 -5.40 -13.91
N GLN B 250 -20.62 -5.65 -13.76
CA GLN B 250 -19.60 -4.64 -14.01
C GLN B 250 -19.58 -4.11 -15.46
N SER B 251 -19.48 -4.98 -16.45
CA SER B 251 -19.37 -4.51 -17.82
C SER B 251 -20.58 -3.71 -18.23
N ASP B 252 -21.75 -4.14 -17.79
CA ASP B 252 -22.99 -3.39 -18.01
C ASP B 252 -22.87 -1.98 -17.45
N ARG B 253 -22.59 -1.92 -16.15
CA ARG B 253 -22.38 -0.66 -15.49
C ARG B 253 -21.35 0.16 -16.22
N GLU B 254 -20.19 -0.43 -16.45
CA GLU B 254 -19.14 0.29 -17.13
C GLU B 254 -19.67 0.85 -18.44
N LYS B 255 -20.37 0.02 -19.21
CA LYS B 255 -20.98 0.50 -20.47
C LYS B 255 -21.86 1.71 -20.16
N SER B 256 -22.74 1.55 -19.20
CA SER B 256 -23.64 2.62 -18.78
C SER B 256 -22.95 3.94 -18.36
N GLU B 257 -21.84 3.82 -17.62
CA GLU B 257 -21.14 4.99 -17.07
C GLU B 257 -20.11 5.47 -18.07
N GLY B 258 -19.98 4.78 -19.21
CA GLY B 258 -19.02 5.19 -20.23
C GLY B 258 -17.59 4.92 -19.84
N LEU B 259 -17.38 4.00 -18.92
CA LEU B 259 -16.05 3.57 -18.58
C LEU B 259 -15.71 2.39 -19.50
N PRO B 260 -14.43 2.04 -19.63
CA PRO B 260 -14.04 0.90 -20.48
C PRO B 260 -14.46 -0.47 -19.96
N VAL B 261 -14.52 -1.43 -20.90
CA VAL B 261 -15.03 -2.77 -20.65
C VAL B 261 -14.06 -3.88 -21.09
N ALA B 262 -13.55 -4.69 -20.16
CA ALA B 262 -12.64 -5.82 -20.55
C ALA B 262 -13.46 -6.80 -21.38
N PRO B 263 -12.90 -7.29 -22.50
CA PRO B 263 -13.76 -8.12 -23.31
C PRO B 263 -14.09 -9.45 -22.60
N PHE B 264 -13.21 -9.89 -21.71
CA PHE B 264 -13.51 -11.09 -21.00
C PHE B 264 -14.72 -11.01 -20.04
N MET B 265 -15.24 -9.79 -19.81
CA MET B 265 -16.45 -9.56 -19.02
C MET B 265 -17.61 -9.12 -19.85
N ASP B 266 -17.37 -8.75 -21.11
CA ASP B 266 -18.47 -8.29 -21.98
C ASP B 266 -19.31 -9.49 -22.36
N ARG B 267 -20.60 -9.40 -22.04
CA ARG B 267 -21.52 -10.49 -22.26
C ARG B 267 -21.89 -10.71 -23.71
N ASP B 268 -21.63 -9.75 -24.59
CA ASP B 268 -21.84 -10.03 -26.00
C ASP B 268 -20.76 -10.99 -26.49
N LYS B 269 -19.57 -10.96 -25.84
CA LYS B 269 -18.40 -11.69 -26.33
C LYS B 269 -18.12 -12.99 -25.59
N VAL B 270 -18.36 -13.00 -24.28
CA VAL B 270 -17.91 -14.13 -23.45
C VAL B 270 -18.74 -15.37 -23.62
N THR B 271 -18.12 -16.55 -23.67
CA THR B 271 -18.89 -17.76 -23.30
C THR B 271 -18.15 -18.57 -22.27
N LYS B 272 -18.90 -19.41 -21.60
CA LYS B 272 -18.37 -20.22 -20.50
C LYS B 272 -17.11 -20.97 -20.89
N ALA B 273 -17.18 -21.61 -22.04
CA ALA B 273 -16.14 -22.51 -22.45
C ALA B 273 -14.87 -21.73 -22.74
N THR B 274 -15.09 -20.60 -23.36
CA THR B 274 -14.03 -19.74 -23.81
C THR B 274 -13.29 -19.08 -22.64
N ALA B 275 -14.10 -18.60 -21.68
CA ALA B 275 -13.67 -18.10 -20.36
C ALA B 275 -12.69 -19.02 -19.65
N GLN B 276 -13.09 -20.27 -19.52
CA GLN B 276 -12.34 -21.24 -18.75
C GLN B 276 -11.20 -21.93 -19.50
N ILE B 277 -11.35 -22.18 -20.80
CA ILE B 277 -10.27 -22.85 -21.53
C ILE B 277 -8.95 -22.14 -21.29
N GLY B 278 -8.94 -20.85 -21.56
CA GLY B 278 -7.70 -20.09 -21.42
C GLY B 278 -7.18 -20.05 -19.99
N PHE B 279 -8.07 -19.80 -19.05
CA PHE B 279 -7.71 -19.77 -17.65
C PHE B 279 -7.14 -21.10 -17.11
N ILE B 280 -7.71 -22.22 -17.52
CA ILE B 280 -7.24 -23.48 -17.03
C ILE B 280 -5.87 -23.71 -17.64
N LYS B 281 -5.77 -23.53 -18.96
CA LYS B 281 -4.52 -23.83 -19.69
C LYS B 281 -3.35 -22.99 -19.25
N PHE B 282 -3.53 -21.69 -19.18
CA PHE B 282 -2.41 -20.79 -18.98
C PHE B 282 -2.32 -20.17 -17.59
N VAL B 283 -3.28 -20.34 -16.69
CA VAL B 283 -3.16 -19.75 -15.35
C VAL B 283 -3.15 -20.85 -14.31
N LEU B 284 -4.19 -21.66 -14.25
CA LEU B 284 -4.26 -22.75 -13.28
C LEU B 284 -3.27 -23.92 -13.53
N ILE B 285 -3.31 -24.54 -14.70
CA ILE B 285 -2.45 -25.70 -14.92
C ILE B 285 -0.99 -25.38 -14.54
N PRO B 286 -0.42 -24.30 -15.13
CA PRO B 286 0.98 -23.92 -14.87
C PRO B 286 1.29 -23.67 -13.41
N MET B 287 0.30 -23.13 -12.69
CA MET B 287 0.45 -22.84 -11.27
C MET B 287 0.56 -24.14 -10.48
N PHE B 288 -0.37 -25.07 -10.70
CA PHE B 288 -0.32 -26.32 -9.93
C PHE B 288 0.83 -27.20 -10.41
N GLU B 289 1.27 -26.96 -11.64
CA GLU B 289 2.40 -27.68 -12.19
C GLU B 289 3.62 -27.41 -11.35
N THR B 290 3.83 -26.14 -10.99
CA THR B 290 5.02 -25.85 -10.20
C THR B 290 4.85 -26.21 -8.77
N VAL B 291 3.65 -26.12 -8.21
CA VAL B 291 3.43 -26.69 -6.87
C VAL B 291 3.78 -28.19 -6.79
N THR B 292 3.50 -28.93 -7.86
CA THR B 292 3.68 -30.39 -7.93
C THR B 292 5.14 -30.81 -7.85
N LYS B 293 6.01 -29.91 -8.29
CA LYS B 293 7.43 -30.12 -8.13
C LYS B 293 7.82 -30.25 -6.66
N LEU B 294 7.18 -29.52 -5.74
CA LEU B 294 7.42 -29.72 -4.29
C LEU B 294 6.53 -30.77 -3.64
N PHE B 295 5.33 -31.01 -4.20
CA PHE B 295 4.31 -31.91 -3.62
C PHE B 295 3.68 -32.75 -4.73
N PRO B 296 4.36 -33.81 -5.12
CA PRO B 296 3.96 -34.66 -6.25
C PRO B 296 2.56 -35.28 -6.18
N MET B 297 2.07 -35.53 -4.99
CA MET B 297 0.69 -35.98 -4.85
C MET B 297 -0.29 -34.97 -5.41
N VAL B 298 0.09 -33.69 -5.49
CA VAL B 298 -0.79 -32.64 -6.03
C VAL B 298 -1.18 -32.92 -7.48
N GLU B 299 -0.33 -33.62 -8.24
CA GLU B 299 -0.66 -33.95 -9.66
C GLU B 299 -1.88 -34.85 -9.73
N GLU B 300 -1.85 -35.97 -9.04
CA GLU B 300 -2.93 -36.92 -9.12
C GLU B 300 -4.26 -36.34 -8.66
N ILE B 301 -4.25 -35.50 -7.63
CA ILE B 301 -5.47 -35.00 -7.02
C ILE B 301 -5.99 -33.72 -7.64
N MET B 302 -5.13 -32.95 -8.30
CA MET B 302 -5.49 -31.57 -8.73
C MET B 302 -5.16 -31.21 -10.19
N LEU B 303 -4.10 -31.75 -10.74
CA LEU B 303 -3.86 -31.51 -12.15
C LEU B 303 -4.83 -32.37 -12.97
N GLN B 304 -4.99 -33.61 -12.56
CA GLN B 304 -5.83 -34.56 -13.23
C GLN B 304 -7.24 -33.97 -13.47
N PRO B 305 -7.92 -33.50 -12.41
CA PRO B 305 -9.21 -32.88 -12.63
C PRO B 305 -9.11 -31.62 -13.51
N LEU B 306 -8.08 -30.79 -13.31
CA LEU B 306 -7.85 -29.65 -14.21
C LEU B 306 -7.70 -30.05 -15.68
N TRP B 307 -7.12 -31.22 -15.95
CA TRP B 307 -6.97 -31.66 -17.32
C TRP B 307 -8.30 -32.06 -17.89
N GLU B 308 -9.11 -32.75 -17.07
CA GLU B 308 -10.46 -33.19 -17.47
C GLU B 308 -11.32 -31.98 -17.79
N SER B 309 -11.29 -30.97 -16.91
CA SER B 309 -12.09 -29.76 -17.14
C SER B 309 -11.69 -29.07 -18.45
N ARG B 310 -10.37 -28.94 -18.66
CA ARG B 310 -9.84 -28.28 -19.84
C ARG B 310 -10.38 -28.95 -21.07
N ASP B 311 -10.27 -30.26 -21.10
CA ASP B 311 -10.70 -31.07 -22.22
C ASP B 311 -12.20 -30.99 -22.44
N ARG B 312 -12.94 -31.11 -21.35
CA ARG B 312 -14.36 -30.98 -21.41
C ARG B 312 -14.72 -29.64 -22.03
N TYR B 313 -14.11 -28.55 -21.55
CA TYR B 313 -14.44 -27.22 -22.07
C TYR B 313 -13.99 -27.00 -23.51
N GLU B 314 -12.88 -27.62 -23.90
CA GLU B 314 -12.34 -27.48 -25.26
C GLU B 314 -13.36 -28.05 -26.24
N GLU B 315 -13.97 -29.15 -25.84
CA GLU B 315 -15.03 -29.81 -26.62
C GLU B 315 -16.32 -28.98 -26.62
N LEU B 316 -16.67 -28.38 -25.47
CA LEU B 316 -17.81 -27.47 -25.46
C LEU B 316 -17.59 -26.40 -26.50
N LYS B 317 -16.36 -25.92 -26.66
CA LYS B 317 -16.13 -24.86 -27.64
C LYS B 317 -16.34 -25.39 -29.04
N ARG B 318 -15.72 -26.52 -29.34
CA ARG B 318 -15.84 -27.17 -30.64
C ARG B 318 -17.30 -27.17 -31.09
N ILE B 319 -18.16 -27.52 -30.14
CA ILE B 319 -19.60 -27.53 -30.32
C ILE B 319 -20.21 -26.12 -30.47
N ASP B 320 -20.03 -25.22 -29.49
CA ASP B 320 -20.54 -23.84 -29.62
C ASP B 320 -20.25 -23.34 -31.03
N ASP B 321 -19.02 -23.55 -31.48
CA ASP B 321 -18.50 -23.18 -32.81
C ASP B 321 -19.23 -23.86 -33.98
N ALA B 322 -19.45 -25.17 -33.85
CA ALA B 322 -20.23 -25.91 -34.84
C ALA B 322 -21.65 -25.36 -34.98
N MET B 323 -22.24 -24.90 -33.88
CA MET B 323 -23.53 -24.22 -33.94
C MET B 323 -23.32 -22.87 -34.59
N LYS B 324 -22.61 -21.96 -33.90
CA LYS B 324 -22.33 -20.62 -34.44
C LYS B 324 -22.30 -20.73 -35.96
N GLU B 325 -21.41 -21.59 -36.46
CA GLU B 325 -21.26 -21.75 -37.91
C GLU B 325 -22.57 -22.25 -38.54
N LEU B 326 -23.14 -23.35 -38.04
CA LEU B 326 -24.34 -23.98 -38.65
C LEU B 326 -25.46 -23.01 -38.96
N GLN B 327 -25.56 -21.92 -38.19
CA GLN B 327 -26.60 -20.88 -38.37
C GLN B 327 -26.20 -19.71 -39.31
N LYS B 328 -25.07 -19.09 -39.01
CA LYS B 328 -24.73 -17.75 -39.51
C LYS B 328 -24.05 -17.87 -40.86
ZN ZN C . 7.85 16.12 5.27
MG MG D . 6.03 12.63 5.56
C1 0WL E . 19.40 8.20 14.22
C2 0WL E . 19.76 9.53 14.41
C3 0WL E . 18.10 7.87 13.82
C4 0WL E . 14.63 16.74 9.14
C5 0WL E . 15.44 16.46 10.26
C6 0WL E . 14.94 15.27 10.69
C7 0WL E . 17.62 10.06 13.82
C8 0WL E . 16.53 17.05 10.96
C9 0WL E . 16.30 15.10 12.35
C10 0WL E . 11.72 12.19 8.86
C11 0WL E . 10.82 13.18 9.54
C12 0WL E . 13.05 12.85 8.82
C13 0WL E . 11.69 14.02 10.41
C14 0WL E . 16.70 12.25 14.61
C15 0WL E . 16.83 12.20 12.60
C16 0WL E . 16.59 11.13 13.61
C17 0WL E . 13.12 13.71 10.04
C18 0WL E . 16.38 15.08 14.83
C19 0WL E . 16.84 14.39 13.57
N20 0WL E . 18.86 10.52 14.21
N21 0WL E . 17.16 8.79 13.60
N22 0WL E . 13.69 15.82 8.89
N23 0WL E . 15.32 14.54 11.73
N24 0WL E . 13.92 14.93 9.86
N25 0WL E . 16.91 16.28 12.02
N26 0WL E . 16.16 13.07 13.56
O27 0WL E . 17.09 18.09 10.67
ZN ZN F . -11.00 -14.73 -3.68
MG MG G . -9.93 -10.97 -3.99
C1 0WL H . -8.47 -13.92 -19.99
C2 0WL H . -8.19 -13.27 -18.77
C3 0WL H . -9.57 -14.76 -20.09
C4 0WL H . -11.55 -18.23 -10.40
C5 0WL H . -11.88 -18.25 -11.78
C6 0WL H . -11.71 -16.95 -12.17
C7 0WL H . -9.92 -14.23 -17.86
C8 0WL H . -12.31 -19.24 -12.72
C9 0WL H . -12.31 -17.29 -14.21
C10 0WL H . -9.65 -13.52 -9.64
C11 0WL H . -11.07 -13.17 -9.29
C12 0WL H . -9.64 -14.32 -10.94
C13 0WL H . -11.94 -14.00 -10.17
C14 0WL H . -12.12 -15.08 -17.01
C15 0WL H . -10.60 -15.57 -15.73
C16 0WL H . -10.80 -14.41 -16.67
C17 0WL H . -11.07 -14.77 -11.14
C18 0WL H . -14.05 -16.63 -15.87
C19 0WL H . -12.57 -16.83 -15.60
N20 0WL H . -8.89 -13.38 -17.63
N21 0WL H . -10.33 -14.93 -18.99
N22 0WL H . -11.23 -17.01 -9.99
N23 0WL H . -11.91 -16.40 -13.38
N24 0WL H . -11.32 -16.24 -11.08
N25 0WL H . -12.49 -18.65 -13.94
N26 0WL H . -12.06 -15.48 -15.63
O27 0WL H . -12.49 -20.43 -12.48
#